data_8UX9
#
_entry.id   8UX9
#
_cell.length_a   1.00
_cell.length_b   1.00
_cell.length_c   1.00
_cell.angle_alpha   90.00
_cell.angle_beta   90.00
_cell.angle_gamma   90.00
#
_symmetry.space_group_name_H-M   'P 1'
#
loop_
_entity.id
_entity.type
_entity.pdbx_description
1 polymer AriB
2 polymer AriA
3 non-polymer 'PHOSPHOTHIOPHOSPHORIC ACID-ADENYLATE ESTER'
#
loop_
_entity_poly.entity_id
_entity_poly.type
_entity_poly.pdbx_seq_one_letter_code
_entity_poly.pdbx_strand_id
1 'polypeptide(L)'
;MSSCAYTIDSYITLLTMSSKKRLLVEGRHDRSHLYQLIYKFNPASKVKIDTAQDIKASDKAMSKNNRLKIETIHSKVKGK
DNISFLCDREFREFAFNDQIEDLLNSHYCDDSLYWTLGHSLENYFFNPSIIIDAFQFLSPSEYKYKAIELFSELISSSFA
VLAAVSLAAKDIDKAGLPAALIDWKDIVINDGTIKLIRRDSYDIDSACVDSFFNAFDAVLPRVIASDVGICSRVVRGHTG
ILLLQKLFSACLYYVGREDDALQADSSANYFCNLSELSLTTALAESWVRKIGVLEDVYFPDSLLKNIEWSHPQFEK
;
A
2 'polypeptide(L)'
;MAIRTISKIELSKIHNRYNLTVDFFNDLNVIHGKNGAGKSTLIHVIANIVNGDFIRFAFLIFEEIKATYSDGLKIVIRRD
KIDEQSFISVTLSNGKYIKFAVGEAMATVREIESERHLRERDVKSMLAMDIDKFVKENELQKVRASYFPAFRTMLEAWSS
SSDVGYERRVIRSSFYNRKASAFARELFGQFLPSINYPSPMEIEDRLREEIRRAQLGIAAYESRTFSESFVKVFSALFDN
SSVEGEITGELLKEIEGLAIAQDSSIKNGYYAEYSKVYEEIRSLINRNLKGKVENSVSGALVVYRDALRDRQDYQEKAFS
EIDNYMSSVNSFLEDKEMAYDFDLRRKYPKVGLKFPDGSWSPIRVLSSGERQLLTMLYAASKMGDDAIVLIDEPEISLHI
DWQEDLLKRMLSQLSGRQIIVCTHSPSIATGYEDFMINISPEFISSRDNDNHKDSEEMEEDESL
;
B,C
#
# COMPACT_ATOMS: atom_id res chain seq x y z
N SER A 3 -11.95 8.64 -2.26
CA SER A 3 -10.87 7.78 -2.82
C SER A 3 -10.00 7.20 -1.71
N CYS A 4 -8.85 6.67 -2.07
CA CYS A 4 -7.91 6.05 -1.14
C CYS A 4 -6.65 6.90 -0.99
N ALA A 5 -6.82 8.21 -0.93
CA ALA A 5 -5.70 9.11 -0.67
C ALA A 5 -5.45 9.21 0.84
N TYR A 6 -4.31 9.82 1.18
CA TYR A 6 -3.93 10.01 2.57
C TYR A 6 -4.68 11.20 3.16
N THR A 7 -4.40 11.48 4.42
CA THR A 7 -4.85 12.68 5.10
C THR A 7 -3.64 13.42 5.67
N ILE A 8 -3.88 14.63 6.20
CA ILE A 8 -2.77 15.46 6.64
C ILE A 8 -2.03 14.77 7.78
N ASP A 9 -2.77 14.26 8.77
CA ASP A 9 -2.12 13.56 9.88
C ASP A 9 -1.43 12.29 9.40
N SER A 10 -2.09 11.54 8.52
CA SER A 10 -1.46 10.34 7.97
C SER A 10 -0.20 10.70 7.21
N TYR A 11 -0.19 11.84 6.52
CA TYR A 11 1.00 12.22 5.77
C TYR A 11 2.13 12.64 6.70
N ILE A 12 1.81 13.33 7.80
CA ILE A 12 2.85 13.66 8.76
C ILE A 12 3.45 12.38 9.35
N THR A 13 2.59 11.40 9.65
CA THR A 13 3.08 10.12 10.15
C THR A 13 3.97 9.43 9.10
N LEU A 14 3.57 9.49 7.83
CA LEU A 14 4.38 8.92 6.77
C LEU A 14 5.74 9.62 6.69
N LEU A 15 5.75 10.94 6.86
CA LEU A 15 7.02 11.67 6.83
C LEU A 15 7.93 11.21 7.95
N THR A 16 7.40 11.04 9.17
CA THR A 16 8.26 10.59 10.25
C THR A 16 8.70 9.14 10.06
N MET A 17 7.86 8.31 9.44
CA MET A 17 8.21 6.91 9.21
C MET A 17 9.27 6.76 8.13
N SER A 18 9.01 7.29 6.94
CA SER A 18 9.89 7.05 5.81
C SER A 18 11.26 7.70 6.02
N SER A 19 12.21 7.25 5.20
CA SER A 19 13.60 7.69 5.26
C SER A 19 14.08 8.36 3.98
N LYS A 20 13.27 8.36 2.92
CA LYS A 20 13.66 8.98 1.67
C LYS A 20 13.60 10.51 1.80
N LYS A 21 14.14 11.18 0.78
CA LYS A 21 14.00 12.61 0.64
C LYS A 21 12.76 12.89 -0.21
N ARG A 22 11.91 13.78 0.30
CA ARG A 22 10.60 14.03 -0.30
C ARG A 22 10.50 15.49 -0.73
N LEU A 23 9.71 15.71 -1.77
CA LEU A 23 9.35 17.04 -2.22
C LEU A 23 7.85 17.08 -2.40
N LEU A 24 7.21 18.05 -1.77
CA LEU A 24 5.76 18.21 -1.79
C LEU A 24 5.40 19.39 -2.69
N VAL A 25 4.82 19.08 -3.84
CA VAL A 25 4.43 20.10 -4.81
C VAL A 25 2.92 20.24 -4.79
N GLU A 26 2.43 21.33 -5.39
CA GLU A 26 1.01 21.65 -5.33
C GLU A 26 0.17 20.76 -6.24
N GLY A 27 0.64 20.44 -7.43
CA GLY A 27 -0.14 19.64 -8.35
C GLY A 27 0.53 18.43 -8.96
N ARG A 28 -0.05 17.91 -10.04
CA ARG A 28 0.47 16.72 -10.72
C ARG A 28 1.35 17.05 -11.91
N HIS A 29 1.23 18.24 -12.50
CA HIS A 29 2.12 18.62 -13.59
C HIS A 29 3.49 18.98 -13.06
N ASP A 30 3.52 19.74 -11.96
CA ASP A 30 4.78 20.10 -11.34
C ASP A 30 5.56 18.86 -10.98
N ARG A 31 4.86 17.78 -10.60
CA ARG A 31 5.54 16.54 -10.26
C ARG A 31 6.34 16.04 -11.45
N SER A 32 5.72 16.01 -12.63
CA SER A 32 6.40 15.51 -13.82
C SER A 32 7.59 16.41 -14.17
N HIS A 33 7.37 17.73 -14.16
CA HIS A 33 8.45 18.62 -14.57
C HIS A 33 9.64 18.54 -13.61
N LEU A 34 9.36 18.50 -12.30
CA LEU A 34 10.45 18.43 -11.34
C LEU A 34 11.13 17.08 -11.37
N TYR A 35 10.38 16.00 -11.66
CA TYR A 35 11.03 14.72 -11.86
C TYR A 35 12.00 14.79 -13.02
N GLN A 36 11.60 15.45 -14.10
CA GLN A 36 12.50 15.60 -15.24
C GLN A 36 13.76 16.36 -14.83
N LEU A 37 13.61 17.46 -14.10
CA LEU A 37 14.76 18.25 -13.68
C LEU A 37 15.71 17.40 -12.82
N ILE A 38 15.16 16.75 -11.79
CA ILE A 38 15.99 15.96 -10.87
C ILE A 38 16.69 14.84 -11.62
N TYR A 39 15.96 14.16 -12.51
CA TYR A 39 16.56 13.06 -13.26
C TYR A 39 17.69 13.57 -14.16
N LYS A 40 17.50 14.72 -14.79
CA LYS A 40 18.62 15.30 -15.54
C LYS A 40 19.84 15.55 -14.68
N PHE A 41 19.66 16.17 -13.52
CA PHE A 41 20.82 16.51 -12.70
C PHE A 41 21.46 15.30 -12.05
N ASN A 42 20.71 14.21 -11.90
CA ASN A 42 21.24 12.98 -11.32
C ASN A 42 20.34 11.80 -11.68
N PRO A 43 20.55 11.16 -12.83
CA PRO A 43 19.56 10.17 -13.31
C PRO A 43 19.25 9.08 -12.30
N ALA A 44 20.14 8.81 -11.36
CA ALA A 44 19.87 7.87 -10.27
C ALA A 44 19.67 8.69 -9.00
N SER A 45 18.44 9.14 -8.81
CA SER A 45 18.05 9.93 -7.65
C SER A 45 16.95 9.20 -6.89
N LYS A 46 17.09 9.09 -5.57
CA LYS A 46 16.12 8.42 -4.74
C LYS A 46 15.11 9.38 -4.14
N VAL A 47 14.87 10.51 -4.80
CA VAL A 47 13.90 11.49 -4.35
C VAL A 47 12.52 11.10 -4.85
N LYS A 48 11.51 11.30 -4.00
CA LYS A 48 10.12 11.15 -4.41
C LYS A 48 9.41 12.50 -4.33
N ILE A 49 8.67 12.82 -5.38
CA ILE A 49 7.88 14.03 -5.45
C ILE A 49 6.43 13.62 -5.25
N ASP A 50 5.86 14.05 -4.13
CA ASP A 50 4.45 13.84 -3.83
C ASP A 50 3.68 15.12 -4.13
N THR A 51 2.38 14.95 -4.34
CA THR A 51 1.50 16.04 -4.72
C THR A 51 0.45 16.27 -3.65
N ALA A 52 0.22 17.53 -3.31
CA ALA A 52 -0.81 17.85 -2.33
C ALA A 52 -2.19 17.50 -2.85
N GLN A 53 -2.36 17.48 -4.17
CA GLN A 53 -3.65 17.16 -4.76
C GLN A 53 -4.14 15.78 -4.30
N ASP A 54 -3.21 14.86 -4.03
CA ASP A 54 -3.55 13.52 -3.59
C ASP A 54 -3.46 13.37 -2.06
N ILE A 55 -3.71 14.44 -1.33
CA ILE A 55 -3.82 14.42 0.12
C ILE A 55 -5.20 14.98 0.48
N LYS A 56 -6.03 14.16 1.12
CA LYS A 56 -7.37 14.58 1.49
C LYS A 56 -7.33 15.40 2.77
N ALA A 57 -8.18 16.42 2.83
CA ALA A 57 -8.33 17.26 4.02
C ALA A 57 -9.78 17.28 4.43
N SER A 58 -10.04 17.05 5.72
CA SER A 58 -11.41 17.03 6.21
C SER A 58 -12.09 18.38 6.03
N ASP A 59 -11.39 19.46 6.34
CA ASP A 59 -11.99 20.79 6.24
C ASP A 59 -12.49 21.05 4.83
N LYS A 60 -13.70 21.59 4.72
CA LYS A 60 -14.26 21.88 3.41
C LYS A 60 -13.45 22.94 2.68
N ALA A 61 -12.93 23.92 3.41
CA ALA A 61 -12.15 24.98 2.78
C ALA A 61 -10.91 24.39 2.09
N MET A 62 -10.22 23.47 2.77
CA MET A 62 -9.00 22.88 2.25
C MET A 62 -9.25 21.86 1.15
N SER A 63 -10.51 21.52 0.87
CA SER A 63 -10.80 20.44 -0.06
C SER A 63 -10.32 20.74 -1.47
N LYS A 64 -10.09 22.01 -1.80
CA LYS A 64 -9.63 22.39 -3.13
C LYS A 64 -8.43 23.34 -3.12
N ASN A 65 -8.06 23.90 -1.98
CA ASN A 65 -6.93 24.82 -1.90
C ASN A 65 -5.69 24.01 -1.54
N ASN A 66 -4.86 23.72 -2.53
CA ASN A 66 -3.66 22.92 -2.31
C ASN A 66 -2.56 23.73 -1.62
N ARG A 67 -2.50 25.03 -1.88
CA ARG A 67 -1.48 25.86 -1.24
C ARG A 67 -1.69 25.89 0.27
N LEU A 68 -2.94 26.01 0.71
CA LEU A 68 -3.21 25.96 2.15
C LEU A 68 -2.82 24.60 2.71
N LYS A 69 -3.02 23.53 1.94
CA LYS A 69 -2.62 22.20 2.38
C LYS A 69 -1.11 22.14 2.61
N ILE A 70 -0.34 22.64 1.65
CA ILE A 70 1.12 22.63 1.79
C ILE A 70 1.54 23.47 2.97
N GLU A 71 0.94 24.65 3.14
CA GLU A 71 1.31 25.52 4.25
C GLU A 71 0.99 24.85 5.59
N THR A 72 -0.15 24.19 5.69
CA THR A 72 -0.51 23.48 6.91
C THR A 72 0.50 22.38 7.21
N ILE A 73 0.82 21.55 6.21
CA ILE A 73 1.74 20.45 6.45
C ILE A 73 3.11 20.99 6.84
N HIS A 74 3.53 22.10 6.24
CA HIS A 74 4.81 22.70 6.61
C HIS A 74 4.77 23.22 8.03
N SER A 75 3.66 23.82 8.44
CA SER A 75 3.55 24.35 9.80
C SER A 75 3.61 23.23 10.83
N LYS A 76 2.94 22.10 10.53
CA LYS A 76 2.89 21.00 11.49
C LYS A 76 4.13 20.12 11.49
N VAL A 77 5.02 20.27 10.52
CA VAL A 77 6.20 19.40 10.42
C VAL A 77 7.46 20.22 10.25
N LYS A 78 7.43 21.48 10.68
CA LYS A 78 8.60 22.34 10.53
C LYS A 78 9.79 21.77 11.28
N GLY A 79 10.93 21.69 10.60
CA GLY A 79 12.15 21.20 11.22
C GLY A 79 12.72 19.95 10.58
N LYS A 80 11.87 19.01 10.20
CA LYS A 80 12.36 17.74 9.64
C LYS A 80 13.23 18.01 8.43
N ASP A 81 14.34 17.28 8.35
CA ASP A 81 15.40 17.55 7.38
C ASP A 81 15.35 16.61 6.17
N ASN A 82 14.28 15.83 6.01
CA ASN A 82 14.12 14.96 4.86
C ASN A 82 12.84 15.29 4.09
N ILE A 83 12.36 16.52 4.20
CA ILE A 83 11.14 16.96 3.52
C ILE A 83 11.39 18.38 3.00
N SER A 84 11.00 18.62 1.75
CA SER A 84 11.06 19.95 1.17
C SER A 84 9.73 20.26 0.53
N PHE A 85 9.36 21.53 0.56
CA PHE A 85 8.06 21.99 0.07
C PHE A 85 8.26 22.98 -1.05
N LEU A 86 7.35 22.95 -2.02
CA LEU A 86 7.40 23.86 -3.16
C LEU A 86 6.00 24.33 -3.45
N CYS A 87 5.74 25.59 -3.17
CA CYS A 87 4.42 26.19 -3.40
C CYS A 87 4.59 27.28 -4.45
N ASP A 88 3.50 27.60 -5.13
CA ASP A 88 3.60 28.59 -6.18
C ASP A 88 3.47 29.98 -5.59
N ARG A 89 3.89 30.96 -6.36
CA ARG A 89 4.02 32.32 -5.87
C ARG A 89 2.77 33.16 -6.11
N GLU A 90 1.85 32.66 -6.93
CA GLU A 90 0.67 33.42 -7.34
C GLU A 90 1.12 34.85 -7.60
N PHE A 91 0.43 35.84 -7.03
CA PHE A 91 0.80 37.25 -7.18
C PHE A 91 1.36 37.81 -5.88
N ARG A 92 1.81 36.96 -4.97
CA ARG A 92 2.39 37.43 -3.73
C ARG A 92 3.71 38.15 -3.98
N GLU A 93 3.96 39.18 -3.18
CA GLU A 93 5.19 39.96 -3.24
C GLU A 93 5.34 40.68 -4.59
N PHE A 94 4.23 40.90 -5.28
CA PHE A 94 4.23 41.59 -6.56
C PHE A 94 3.51 42.92 -6.41
N ALA A 95 4.17 44.00 -6.78
CA ALA A 95 3.64 45.36 -6.61
C ALA A 95 3.24 45.90 -7.99
N PHE A 96 2.02 46.42 -8.08
CA PHE A 96 1.47 46.93 -9.32
C PHE A 96 1.32 48.45 -9.30
N ASN A 97 2.22 49.13 -8.59
CA ASN A 97 2.21 50.59 -8.52
C ASN A 97 2.96 51.12 -9.73
N ASP A 98 2.23 51.64 -10.71
CA ASP A 98 2.82 52.11 -11.94
C ASP A 98 3.60 50.99 -12.62
N GLN A 99 4.91 50.97 -12.46
CA GLN A 99 5.74 49.92 -13.05
C GLN A 99 5.63 48.65 -12.21
N ILE A 100 5.28 47.54 -12.85
CA ILE A 100 5.14 46.28 -12.14
C ILE A 100 6.49 45.90 -11.56
N GLU A 101 6.54 45.68 -10.26
CA GLU A 101 7.79 45.50 -9.53
C GLU A 101 7.71 44.24 -8.68
N ASP A 102 8.86 43.59 -8.52
CA ASP A 102 9.00 42.40 -7.69
C ASP A 102 9.65 42.80 -6.37
N LEU A 103 8.89 42.74 -5.29
CA LEU A 103 9.45 43.08 -3.98
C LEU A 103 10.63 42.18 -3.64
N LEU A 104 10.46 40.87 -3.82
CA LEU A 104 11.53 39.89 -3.64
C LEU A 104 11.97 39.41 -5.01
N ASN A 105 13.24 39.66 -5.34
CA ASN A 105 13.78 39.35 -6.66
C ASN A 105 14.47 38.00 -6.71
N SER A 106 14.41 37.22 -5.63
CA SER A 106 15.02 35.90 -5.57
C SER A 106 13.97 34.88 -5.15
N HIS A 107 14.36 33.62 -5.16
CA HIS A 107 13.48 32.54 -4.71
C HIS A 107 13.24 32.68 -3.22
N TYR A 108 12.01 32.99 -2.83
CA TYR A 108 11.68 33.06 -1.41
C TYR A 108 11.88 31.70 -0.77
N CYS A 109 12.56 31.69 0.37
CA CYS A 109 12.82 30.46 1.12
C CYS A 109 12.54 30.71 2.59
N ASP A 110 11.77 29.83 3.22
CA ASP A 110 11.43 29.98 4.63
C ASP A 110 11.28 28.59 5.24
N ASP A 111 12.38 28.08 5.81
CA ASP A 111 12.38 26.81 6.54
C ASP A 111 11.81 25.68 5.70
N SER A 112 12.50 25.39 4.59
CA SER A 112 12.22 24.26 3.70
C SER A 112 11.03 24.53 2.78
N LEU A 113 10.39 25.69 2.85
CA LEU A 113 9.32 26.06 1.93
C LEU A 113 9.90 26.99 0.87
N TYR A 114 9.74 26.60 -0.39
CA TYR A 114 10.32 27.34 -1.51
C TYR A 114 9.21 27.78 -2.47
N TRP A 115 9.25 29.05 -2.83
CA TRP A 115 8.30 29.64 -3.75
C TRP A 115 8.89 29.61 -5.15
N THR A 116 8.03 29.66 -6.14
CA THR A 116 8.50 29.67 -7.52
C THR A 116 8.93 31.07 -7.91
N LEU A 117 9.90 31.15 -8.82
CA LEU A 117 10.45 32.45 -9.18
C LEU A 117 9.36 33.32 -9.78
N GLY A 118 8.55 32.76 -10.66
CA GLY A 118 7.41 33.44 -11.23
C GLY A 118 6.11 32.97 -10.61
N HIS A 119 5.02 33.17 -11.34
CA HIS A 119 3.70 32.78 -10.87
C HIS A 119 3.57 31.28 -10.66
N SER A 120 4.41 30.47 -11.31
CA SER A 120 4.32 29.03 -11.18
C SER A 120 5.45 28.35 -11.95
N LEU A 121 5.50 27.01 -11.87
CA LEU A 121 6.54 26.29 -12.60
C LEU A 121 6.47 26.56 -14.10
N GLU A 122 5.27 26.80 -14.61
CA GLU A 122 5.11 27.00 -16.05
C GLU A 122 5.71 28.32 -16.53
N ASN A 123 6.10 29.20 -15.61
CA ASN A 123 6.67 30.49 -16.00
C ASN A 123 8.18 30.42 -16.21
N TYR A 124 8.83 29.35 -15.76
CA TYR A 124 10.23 29.15 -16.12
C TYR A 124 10.37 28.93 -17.61
N PHE A 125 9.34 28.38 -18.25
CA PHE A 125 9.36 28.09 -19.67
C PHE A 125 9.34 29.34 -20.54
N PHE A 126 9.08 30.51 -19.96
CA PHE A 126 8.87 31.71 -20.75
C PHE A 126 10.16 32.49 -20.99
N ASN A 127 11.17 31.80 -21.47
CA ASN A 127 12.25 32.46 -22.17
C ASN A 127 12.04 32.30 -23.67
N PRO A 128 12.35 33.32 -24.49
CA PRO A 128 12.11 33.15 -25.93
C PRO A 128 12.76 31.91 -26.51
N SER A 129 13.96 31.57 -26.04
CA SER A 129 14.67 30.41 -26.57
C SER A 129 13.89 29.13 -26.34
N ILE A 130 13.35 28.96 -25.12
CA ILE A 130 12.71 27.70 -24.79
C ILE A 130 11.45 27.51 -25.62
N ILE A 131 10.60 28.53 -25.68
CA ILE A 131 9.36 28.40 -26.44
C ILE A 131 9.66 28.22 -27.92
N ILE A 132 10.62 28.98 -28.45
CA ILE A 132 10.90 28.90 -29.88
C ILE A 132 11.42 27.51 -30.23
N ASP A 133 12.31 26.96 -29.40
CA ASP A 133 12.82 25.62 -29.66
C ASP A 133 11.73 24.58 -29.51
N ALA A 134 10.88 24.71 -28.49
CA ALA A 134 9.94 23.65 -28.13
C ALA A 134 8.68 23.66 -28.97
N PHE A 135 8.44 24.73 -29.74
CA PHE A 135 7.31 24.69 -30.66
C PHE A 135 7.65 24.01 -31.98
N GLN A 136 8.93 23.95 -32.37
CA GLN A 136 9.28 23.27 -33.60
C GLN A 136 9.03 21.77 -33.49
N PHE A 137 9.40 21.16 -32.36
CA PHE A 137 9.30 19.71 -32.23
C PHE A 137 7.88 19.21 -32.44
N LEU A 138 6.87 20.03 -32.12
CA LEU A 138 5.48 19.63 -32.26
C LEU A 138 4.75 20.29 -33.40
N SER A 139 5.26 21.40 -33.92
CA SER A 139 4.46 22.13 -34.89
C SER A 139 4.69 21.59 -36.30
N PRO A 140 3.64 21.39 -37.10
CA PRO A 140 3.85 21.09 -38.52
C PRO A 140 4.39 22.31 -39.24
N SER A 141 4.57 22.22 -40.56
CA SER A 141 5.23 23.28 -41.33
C SER A 141 4.37 23.68 -42.52
N GLU A 142 3.42 24.58 -42.30
CA GLU A 142 2.86 25.33 -43.42
C GLU A 142 3.88 26.28 -43.99
N TYR A 143 4.54 27.04 -43.11
CA TYR A 143 5.90 27.54 -43.34
C TYR A 143 6.53 27.64 -41.94
N LYS A 144 7.19 26.56 -41.54
CA LYS A 144 7.64 26.46 -40.15
C LYS A 144 8.64 27.56 -39.82
N TYR A 145 9.80 27.56 -40.48
CA TYR A 145 10.84 28.51 -40.17
C TYR A 145 10.34 29.95 -40.24
N LYS A 146 9.43 30.25 -41.17
CA LYS A 146 8.89 31.60 -41.25
C LYS A 146 8.14 31.96 -39.97
N ALA A 147 7.30 31.05 -39.48
CA ALA A 147 6.57 31.30 -38.24
C ALA A 147 7.53 31.41 -37.06
N ILE A 148 8.58 30.60 -37.05
CA ILE A 148 9.57 30.68 -35.98
C ILE A 148 10.23 32.04 -35.98
N GLU A 149 10.60 32.54 -37.16
CA GLU A 149 11.23 33.86 -37.23
C GLU A 149 10.26 34.96 -36.81
N LEU A 150 9.00 34.87 -37.23
CA LEU A 150 8.03 35.89 -36.84
C LEU A 150 7.81 35.89 -35.33
N PHE A 151 7.76 34.70 -34.72
CA PHE A 151 7.71 34.61 -33.27
C PHE A 151 8.93 35.28 -32.64
N SER A 152 10.13 34.91 -33.12
CA SER A 152 11.34 35.34 -32.45
C SER A 152 11.30 36.82 -32.11
N GLU A 153 10.60 37.60 -32.93
CA GLU A 153 10.46 39.04 -32.70
C GLU A 153 9.16 39.38 -31.97
N LEU A 154 8.04 38.81 -32.40
CA LEU A 154 6.76 39.20 -31.82
C LEU A 154 6.67 38.87 -30.34
N ILE A 155 7.49 37.92 -29.85
CA ILE A 155 7.43 37.51 -28.44
C ILE A 155 7.77 38.65 -27.50
N SER A 156 8.55 39.63 -27.96
CA SER A 156 8.94 40.75 -27.11
C SER A 156 7.70 41.48 -26.57
N SER A 157 6.79 41.88 -27.46
CA SER A 157 5.55 42.47 -27.00
C SER A 157 4.51 41.43 -26.63
N SER A 158 4.66 40.21 -27.14
CA SER A 158 3.70 39.16 -26.83
C SER A 158 3.67 38.86 -25.35
N PHE A 159 4.84 38.79 -24.71
CA PHE A 159 4.85 38.49 -23.28
C PHE A 159 4.24 39.64 -22.48
N ALA A 160 4.48 40.89 -22.91
CA ALA A 160 3.85 42.02 -22.25
C ALA A 160 2.33 41.92 -22.35
N VAL A 161 1.82 41.60 -23.55
CA VAL A 161 0.38 41.49 -23.73
C VAL A 161 -0.18 40.34 -22.91
N LEU A 162 0.52 39.19 -22.89
CA LEU A 162 0.03 38.05 -22.14
C LEU A 162 0.00 38.36 -20.65
N ALA A 163 1.01 39.06 -20.15
CA ALA A 163 1.00 39.48 -18.75
C ALA A 163 -0.16 40.42 -18.49
N ALA A 164 -0.44 41.33 -19.43
CA ALA A 164 -1.59 42.21 -19.28
C ALA A 164 -2.89 41.41 -19.20
N VAL A 165 -3.02 40.39 -20.03
CA VAL A 165 -4.23 39.58 -20.03
C VAL A 165 -4.37 38.88 -18.68
N SER A 166 -3.30 38.27 -18.19
CA SER A 166 -3.34 37.59 -16.91
C SER A 166 -3.68 38.55 -15.78
N LEU A 167 -3.06 39.73 -15.78
CA LEU A 167 -3.30 40.69 -14.71
C LEU A 167 -4.74 41.19 -14.74
N ALA A 168 -5.25 41.50 -15.94
CA ALA A 168 -6.64 41.93 -16.04
C ALA A 168 -7.58 40.83 -15.54
N ALA A 169 -7.32 39.59 -15.91
CA ALA A 169 -8.15 38.50 -15.40
C ALA A 169 -8.09 38.44 -13.88
N LYS A 170 -6.91 38.64 -13.31
CA LYS A 170 -6.78 38.65 -11.86
C LYS A 170 -7.61 39.76 -11.23
N ASP A 171 -7.58 40.95 -11.84
CA ASP A 171 -8.30 42.09 -11.29
C ASP A 171 -9.81 41.82 -11.27
N ILE A 172 -10.35 41.30 -12.38
CA ILE A 172 -11.79 41.04 -12.47
C ILE A 172 -12.20 39.77 -11.74
N ASP A 173 -11.27 39.09 -11.07
CA ASP A 173 -11.58 37.90 -10.28
C ASP A 173 -12.29 36.84 -11.12
N LYS A 174 -11.75 36.62 -12.32
CA LYS A 174 -12.25 35.57 -13.21
C LYS A 174 -11.04 34.90 -13.84
N ALA A 175 -10.62 33.77 -13.26
CA ALA A 175 -9.37 33.14 -13.68
C ALA A 175 -9.45 32.66 -15.12
N GLY A 176 -10.50 31.90 -15.45
CA GLY A 176 -10.57 31.24 -16.73
C GLY A 176 -11.02 32.10 -17.89
N LEU A 177 -11.31 33.37 -17.65
CA LEU A 177 -11.86 34.21 -18.71
C LEU A 177 -10.98 34.22 -19.95
N PRO A 178 -9.67 34.47 -19.85
CA PRO A 178 -8.83 34.49 -21.07
C PRO A 178 -8.89 33.20 -21.86
N ALA A 179 -9.24 32.08 -21.23
CA ALA A 179 -9.20 30.80 -21.94
C ALA A 179 -10.17 30.80 -23.11
N ALA A 180 -11.40 31.25 -22.90
CA ALA A 180 -12.44 31.17 -23.92
C ALA A 180 -12.66 32.47 -24.66
N LEU A 181 -12.47 33.62 -24.02
CA LEU A 181 -12.74 34.89 -24.66
C LEU A 181 -11.85 35.10 -25.88
N ILE A 182 -10.57 34.77 -25.76
CA ILE A 182 -9.60 34.99 -26.83
C ILE A 182 -9.48 33.74 -27.67
N ASP A 183 -9.34 33.92 -28.98
CA ASP A 183 -9.21 32.84 -29.93
C ASP A 183 -8.17 33.19 -30.97
N TRP A 184 -7.71 32.19 -31.71
CA TRP A 184 -6.59 32.40 -32.61
C TRP A 184 -6.92 33.42 -33.68
N LYS A 185 -8.13 33.36 -34.23
CA LYS A 185 -8.55 34.37 -35.19
C LYS A 185 -8.65 35.76 -34.56
N ASP A 186 -8.66 35.85 -33.23
CA ASP A 186 -8.84 37.12 -32.55
C ASP A 186 -7.62 38.01 -32.68
N ILE A 187 -6.42 37.45 -32.51
CA ILE A 187 -5.22 38.28 -32.45
C ILE A 187 -5.01 39.00 -33.78
N VAL A 188 -4.25 40.10 -33.72
CA VAL A 188 -3.90 40.86 -34.90
C VAL A 188 -2.44 41.23 -34.82
N ILE A 189 -1.73 41.09 -35.95
CA ILE A 189 -0.31 41.36 -36.07
C ILE A 189 -0.12 42.59 -36.95
N ASN A 190 0.69 43.52 -36.49
CA ASN A 190 0.98 44.75 -37.23
C ASN A 190 2.43 45.13 -36.98
N ASP A 191 3.30 44.80 -37.93
CA ASP A 191 4.72 45.17 -37.83
C ASP A 191 5.31 44.70 -36.50
N GLY A 192 5.13 43.42 -36.20
CA GLY A 192 5.64 42.87 -34.96
C GLY A 192 5.04 43.53 -33.75
N THR A 193 3.73 43.78 -33.78
CA THR A 193 2.99 44.35 -32.66
C THR A 193 1.70 43.56 -32.52
N ILE A 194 1.42 43.09 -31.30
CA ILE A 194 0.28 42.23 -31.03
C ILE A 194 -0.85 43.10 -30.53
N LYS A 195 -2.03 42.95 -31.11
CA LYS A 195 -3.22 43.65 -30.64
C LYS A 195 -4.37 42.67 -30.52
N LEU A 196 -5.25 42.95 -29.55
CA LEU A 196 -6.31 42.02 -29.14
C LEU A 196 -7.65 42.66 -29.48
N ILE A 197 -8.11 42.45 -30.71
CA ILE A 197 -9.40 43.00 -31.11
C ILE A 197 -10.52 42.32 -30.33
N ARG A 198 -11.66 43.00 -30.24
CA ARG A 198 -12.79 42.53 -29.46
C ARG A 198 -13.84 42.00 -30.41
N ARG A 199 -14.09 40.69 -30.35
CA ARG A 199 -15.15 40.10 -31.14
C ARG A 199 -16.51 40.52 -30.58
N ASP A 200 -17.57 40.04 -31.21
CA ASP A 200 -18.93 40.40 -30.82
C ASP A 200 -19.55 39.37 -29.89
N SER A 201 -19.70 38.14 -30.34
CA SER A 201 -20.38 37.12 -29.56
C SER A 201 -19.43 36.48 -28.56
N TYR A 202 -19.94 36.24 -27.34
CA TYR A 202 -19.13 35.63 -26.28
C TYR A 202 -20.06 34.91 -25.33
N ASP A 203 -19.67 33.70 -24.92
CA ASP A 203 -20.53 32.88 -24.09
C ASP A 203 -20.89 33.60 -22.79
N ILE A 204 -19.89 34.17 -22.12
CA ILE A 204 -20.17 34.92 -20.91
C ILE A 204 -21.01 36.16 -21.25
N ASP A 205 -21.75 36.64 -20.28
CA ASP A 205 -22.57 37.82 -20.49
C ASP A 205 -21.70 39.00 -20.89
N SER A 206 -22.19 39.79 -21.86
CA SER A 206 -21.45 40.96 -22.32
C SER A 206 -20.91 41.80 -21.15
N ALA A 207 -21.58 41.74 -19.99
CA ALA A 207 -21.05 42.39 -18.81
C ALA A 207 -19.66 41.86 -18.47
N CYS A 208 -19.47 40.55 -18.55
CA CYS A 208 -18.15 39.97 -18.30
C CYS A 208 -17.13 40.46 -19.33
N VAL A 209 -17.53 40.48 -20.60
CA VAL A 209 -16.62 40.94 -21.65
C VAL A 209 -16.16 42.36 -21.34
N ASP A 210 -17.09 43.25 -20.99
CA ASP A 210 -16.71 44.61 -20.66
C ASP A 210 -15.82 44.64 -19.43
N SER A 211 -16.18 43.86 -18.40
CA SER A 211 -15.41 43.86 -17.16
C SER A 211 -13.96 43.51 -17.42
N PHE A 212 -13.73 42.54 -18.31
CA PHE A 212 -12.36 42.21 -18.70
C PHE A 212 -11.74 43.35 -19.49
N PHE A 213 -12.34 43.67 -20.64
CA PHE A 213 -11.66 44.53 -21.61
C PHE A 213 -11.33 45.89 -21.03
N ASN A 214 -12.19 46.43 -20.16
CA ASN A 214 -11.89 47.72 -19.57
C ASN A 214 -10.61 47.66 -18.73
N ALA A 215 -10.51 46.66 -17.85
CA ALA A 215 -9.32 46.51 -17.03
C ALA A 215 -8.09 46.25 -17.90
N PHE A 216 -8.26 45.44 -18.95
CA PHE A 216 -7.16 45.17 -19.87
C PHE A 216 -6.63 46.46 -20.48
N ASP A 217 -7.53 47.30 -20.98
CA ASP A 217 -7.12 48.56 -21.58
C ASP A 217 -6.46 49.46 -20.55
N ALA A 218 -6.99 49.48 -19.34
CA ALA A 218 -6.38 50.30 -18.29
C ALA A 218 -4.96 49.81 -17.98
N VAL A 219 -4.77 48.49 -17.93
CA VAL A 219 -3.48 47.94 -17.51
C VAL A 219 -2.42 48.17 -18.58
N LEU A 220 -2.76 47.91 -19.85
CA LEU A 220 -1.76 47.85 -20.92
C LEU A 220 -0.66 48.90 -20.79
N PRO A 221 -0.94 50.19 -20.66
CA PRO A 221 0.16 51.15 -20.44
C PRO A 221 0.98 50.79 -19.21
N ARG A 222 0.32 50.32 -18.15
CA ARG A 222 1.05 49.96 -16.95
C ARG A 222 2.04 48.84 -17.23
N VAL A 223 1.63 47.86 -18.05
CA VAL A 223 2.46 46.69 -18.31
C VAL A 223 3.43 46.92 -19.44
N ILE A 224 3.36 48.07 -20.12
CA ILE A 224 4.27 48.39 -21.20
C ILE A 224 5.43 49.27 -20.73
N ALA A 225 5.66 49.33 -19.42
CA ALA A 225 6.69 50.18 -18.85
C ALA A 225 7.53 49.45 -17.80
N SER A 226 7.65 48.14 -17.92
CA SER A 226 8.52 47.36 -17.06
C SER A 226 9.29 46.36 -17.91
N ASP A 227 10.46 45.96 -17.39
CA ASP A 227 11.32 45.04 -18.13
C ASP A 227 10.57 43.76 -18.46
N VAL A 228 10.83 43.22 -19.65
CA VAL A 228 10.09 42.06 -20.12
C VAL A 228 10.22 40.89 -19.14
N GLY A 229 11.31 40.86 -18.36
CA GLY A 229 11.46 39.79 -17.39
C GLY A 229 10.34 39.76 -16.36
N ILE A 230 10.01 40.94 -15.81
CA ILE A 230 8.93 41.01 -14.84
C ILE A 230 7.62 40.56 -15.47
N CYS A 231 7.40 40.95 -16.73
CA CYS A 231 6.18 40.54 -17.41
C CYS A 231 6.11 39.03 -17.54
N SER A 232 7.23 38.41 -17.94
CA SER A 232 7.26 36.95 -18.02
C SER A 232 7.04 36.31 -16.66
N ARG A 233 7.44 36.99 -15.60
CA ARG A 233 7.26 36.44 -14.27
C ARG A 233 5.83 36.57 -13.77
N VAL A 234 5.10 37.59 -14.21
CA VAL A 234 3.80 37.91 -13.61
C VAL A 234 2.64 37.23 -14.32
N VAL A 235 2.88 36.52 -15.41
CA VAL A 235 1.81 35.81 -16.11
C VAL A 235 1.51 34.50 -15.40
N ARG A 236 0.37 33.91 -15.71
CA ARG A 236 -0.04 32.66 -15.10
C ARG A 236 0.33 31.50 -16.02
N GLY A 237 0.30 30.30 -15.45
CA GLY A 237 0.78 29.15 -16.18
C GLY A 237 -0.13 28.71 -17.31
N HIS A 238 -1.31 28.18 -16.97
CA HIS A 238 -2.18 27.61 -17.99
C HIS A 238 -2.61 28.66 -19.00
N THR A 239 -3.00 29.84 -18.52
CA THR A 239 -3.40 30.91 -19.43
C THR A 239 -2.24 31.33 -20.33
N GLY A 240 -1.04 31.38 -19.77
CA GLY A 240 0.12 31.73 -20.58
C GLY A 240 0.37 30.71 -21.68
N ILE A 241 0.30 29.42 -21.34
CA ILE A 241 0.53 28.37 -22.33
C ILE A 241 -0.52 28.45 -23.43
N LEU A 242 -1.79 28.61 -23.03
CA LEU A 242 -2.86 28.68 -24.03
C LEU A 242 -2.69 29.90 -24.92
N LEU A 243 -2.37 31.05 -24.34
CA LEU A 243 -2.19 32.26 -25.13
C LEU A 243 -1.01 32.12 -26.08
N LEU A 244 0.06 31.46 -25.65
CA LEU A 244 1.20 31.24 -26.53
C LEU A 244 0.82 30.34 -27.69
N GLN A 245 0.07 29.27 -27.41
CA GLN A 245 -0.49 28.45 -28.48
C GLN A 245 -1.26 29.31 -29.47
N LYS A 246 -2.13 30.17 -28.97
CA LYS A 246 -2.93 31.02 -29.85
C LYS A 246 -2.05 31.96 -30.66
N LEU A 247 -1.00 32.49 -30.06
CA LEU A 247 -0.15 33.43 -30.78
C LEU A 247 0.65 32.73 -31.87
N PHE A 248 1.16 31.53 -31.59
CA PHE A 248 1.82 30.78 -32.65
C PHE A 248 0.85 30.45 -33.77
N SER A 249 -0.41 30.16 -33.42
CA SER A 249 -1.42 29.93 -34.45
C SER A 249 -1.61 31.18 -35.30
N ALA A 250 -1.71 32.33 -34.65
CA ALA A 250 -1.89 33.58 -35.39
C ALA A 250 -0.69 33.85 -36.29
N CYS A 251 0.52 33.56 -35.81
CA CYS A 251 1.71 33.74 -36.63
C CYS A 251 1.68 32.80 -37.83
N LEU A 252 1.25 31.56 -37.61
CA LEU A 252 1.08 30.62 -38.71
C LEU A 252 0.16 31.22 -39.77
N TYR A 253 -0.99 31.72 -39.35
CA TYR A 253 -1.91 32.35 -40.31
C TYR A 253 -1.30 33.55 -41.02
N TYR A 254 -0.61 34.42 -40.28
CA TYR A 254 -0.02 35.61 -40.89
C TYR A 254 1.00 35.21 -41.95
N VAL A 255 1.81 34.19 -41.66
CA VAL A 255 2.80 33.75 -42.64
C VAL A 255 2.13 33.12 -43.84
N GLY A 256 1.16 32.23 -43.60
CA GLY A 256 0.57 31.45 -44.68
C GLY A 256 -0.52 32.13 -45.46
N ARG A 257 -1.05 33.25 -44.96
CA ARG A 257 -2.13 33.92 -45.67
C ARG A 257 -1.69 34.38 -47.06
N GLU A 258 -0.47 34.91 -47.16
CA GLU A 258 0.01 35.40 -48.46
C GLU A 258 0.12 34.26 -49.46
N ASP A 259 0.61 33.10 -49.04
CA ASP A 259 0.92 32.03 -49.98
C ASP A 259 -0.31 31.19 -50.32
N ASP A 260 -0.91 30.57 -49.30
CA ASP A 260 -2.04 29.67 -49.53
C ASP A 260 -2.99 29.75 -48.35
N ALA A 261 -4.26 29.97 -48.63
CA ALA A 261 -5.26 30.08 -47.57
C ALA A 261 -5.52 28.73 -46.91
N LEU A 262 -5.66 27.68 -47.72
CA LEU A 262 -6.05 26.38 -47.18
C LEU A 262 -4.99 25.85 -46.21
N GLN A 263 -3.73 25.84 -46.62
CA GLN A 263 -2.67 25.30 -45.77
C GLN A 263 -2.53 26.11 -44.49
N ALA A 264 -2.58 27.44 -44.59
CA ALA A 264 -2.45 28.28 -43.42
C ALA A 264 -3.60 28.02 -42.44
N ASP A 265 -4.82 27.98 -42.96
CA ASP A 265 -5.97 27.72 -42.09
C ASP A 265 -5.85 26.36 -41.44
N SER A 266 -5.45 25.35 -42.20
CA SER A 266 -5.32 24.00 -41.65
C SER A 266 -4.30 23.99 -40.51
N SER A 267 -3.11 24.55 -40.75
CA SER A 267 -2.08 24.54 -39.73
C SER A 267 -2.54 25.28 -38.47
N ALA A 268 -3.10 26.48 -38.65
CA ALA A 268 -3.49 27.27 -37.49
C ALA A 268 -4.58 26.57 -36.70
N ASN A 269 -5.67 26.17 -37.36
CA ASN A 269 -6.74 25.51 -36.65
C ASN A 269 -6.30 24.18 -36.08
N TYR A 270 -5.23 23.59 -36.62
CA TYR A 270 -4.74 22.34 -36.07
C TYR A 270 -4.07 22.59 -34.75
N PHE A 271 -2.99 23.38 -34.77
CA PHE A 271 -2.25 23.60 -33.54
C PHE A 271 -3.14 24.23 -32.47
N CYS A 272 -4.18 24.95 -32.88
CA CYS A 272 -5.10 25.52 -31.90
C CYS A 272 -5.85 24.45 -31.13
N ASN A 273 -5.82 23.20 -31.58
CA ASN A 273 -6.47 22.09 -30.90
C ASN A 273 -5.49 21.20 -30.15
N LEU A 274 -4.19 21.36 -30.35
CA LEU A 274 -3.22 20.49 -29.69
C LEU A 274 -3.41 20.54 -28.17
N SER A 275 -3.36 19.36 -27.55
CA SER A 275 -3.65 19.27 -26.13
C SER A 275 -2.63 20.06 -25.32
N GLU A 276 -3.10 20.61 -24.20
CA GLU A 276 -2.21 21.39 -23.34
C GLU A 276 -1.12 20.52 -22.72
N LEU A 277 -1.44 19.26 -22.40
CA LEU A 277 -0.44 18.37 -21.84
C LEU A 277 0.74 18.18 -22.79
N SER A 278 0.46 18.06 -24.09
CA SER A 278 1.53 17.87 -25.06
C SER A 278 2.44 19.10 -25.10
N LEU A 279 1.84 20.29 -25.16
CA LEU A 279 2.63 21.50 -25.21
C LEU A 279 3.48 21.64 -23.95
N THR A 280 2.88 21.39 -22.79
CA THR A 280 3.62 21.52 -21.54
C THR A 280 4.75 20.49 -21.44
N THR A 281 4.50 19.26 -21.90
CA THR A 281 5.56 18.26 -21.87
C THR A 281 6.71 18.62 -22.81
N ALA A 282 6.39 19.11 -24.01
CA ALA A 282 7.45 19.53 -24.92
C ALA A 282 8.24 20.69 -24.34
N LEU A 283 7.55 21.66 -23.74
CA LEU A 283 8.26 22.79 -23.15
C LEU A 283 9.14 22.34 -22.00
N ALA A 284 8.64 21.41 -21.18
CA ALA A 284 9.46 20.90 -20.07
C ALA A 284 10.69 20.19 -20.60
N GLU A 285 10.54 19.39 -21.65
CA GLU A 285 11.70 18.72 -22.22
C GLU A 285 12.71 19.73 -22.75
N SER A 286 12.23 20.80 -23.38
CA SER A 286 13.16 21.78 -23.93
C SER A 286 13.86 22.55 -22.80
N TRP A 287 13.11 22.88 -21.76
CA TRP A 287 13.67 23.67 -20.67
C TRP A 287 14.71 22.86 -19.91
N VAL A 288 14.40 21.59 -19.63
CA VAL A 288 15.37 20.77 -18.92
C VAL A 288 16.60 20.53 -19.80
N ARG A 289 16.39 20.31 -21.10
CA ARG A 289 17.50 20.09 -22.01
C ARG A 289 18.31 21.36 -22.28
N LYS A 290 17.83 22.52 -21.84
CA LYS A 290 18.47 23.80 -22.14
C LYS A 290 18.73 24.57 -20.85
N ILE A 291 19.27 23.86 -19.86
CA ILE A 291 19.49 24.41 -18.52
C ILE A 291 20.99 24.60 -18.32
N GLY A 292 21.36 25.78 -17.82
CA GLY A 292 22.77 26.07 -17.57
C GLY A 292 23.53 26.48 -18.81
N VAL A 293 23.29 25.76 -19.92
CA VAL A 293 23.98 26.07 -21.16
C VAL A 293 23.75 27.52 -21.56
N LEU A 294 22.52 28.00 -21.40
CA LEU A 294 22.23 29.42 -21.52
C LEU A 294 22.35 30.09 -20.15
N GLU A 295 22.08 31.39 -20.11
CA GLU A 295 22.16 32.17 -18.89
C GLU A 295 20.85 32.83 -18.51
N ASP A 296 19.93 33.01 -19.44
CA ASP A 296 18.62 33.61 -19.15
C ASP A 296 17.57 32.57 -18.82
N VAL A 297 17.94 31.29 -18.74
CA VAL A 297 17.01 30.22 -18.41
C VAL A 297 17.18 29.90 -16.93
N TYR A 298 16.11 30.08 -16.17
CA TYR A 298 16.16 29.90 -14.72
C TYR A 298 15.72 28.50 -14.32
N PHE A 299 15.92 28.19 -13.05
CA PHE A 299 15.44 26.94 -12.48
C PHE A 299 15.48 27.06 -10.96
N PRO A 300 14.68 26.26 -10.24
CA PRO A 300 14.73 26.33 -8.78
C PRO A 300 16.01 25.73 -8.22
N ASP A 301 17.10 26.47 -8.34
CA ASP A 301 18.40 25.98 -7.88
C ASP A 301 18.40 25.74 -6.37
N SER A 302 17.80 26.67 -5.62
CA SER A 302 17.82 26.55 -4.17
C SER A 302 17.11 25.27 -3.72
N LEU A 303 15.97 24.95 -4.33
CA LEU A 303 15.26 23.73 -3.97
C LEU A 303 16.12 22.51 -4.27
N LEU A 304 16.76 22.47 -5.44
CA LEU A 304 17.57 21.32 -5.80
C LEU A 304 18.75 21.18 -4.84
N LYS A 305 19.34 22.28 -4.42
CA LYS A 305 20.40 22.21 -3.43
C LYS A 305 19.89 21.68 -2.10
N ASN A 306 18.72 22.16 -1.66
CA ASN A 306 18.17 21.70 -0.37
C ASN A 306 17.83 20.22 -0.41
N ILE A 307 17.30 19.74 -1.53
CA ILE A 307 17.01 18.32 -1.70
C ILE A 307 18.28 17.61 -2.16
N GLU A 308 18.70 16.60 -1.42
CA GLU A 308 19.93 15.89 -1.72
C GLU A 308 21.13 16.81 -1.54
N ILE B 3 0.41 -10.60 -25.16
CA ILE B 3 -0.53 -11.27 -26.10
C ILE B 3 -1.91 -10.64 -25.98
N ARG B 4 -2.71 -11.14 -25.05
CA ARG B 4 -4.06 -10.65 -24.81
C ARG B 4 -4.13 -9.86 -23.51
N THR B 5 -5.28 -9.25 -23.28
CA THR B 5 -5.50 -8.46 -22.07
C THR B 5 -6.97 -8.16 -21.89
N ILE B 6 -7.48 -8.37 -20.67
CA ILE B 6 -8.89 -8.11 -20.41
C ILE B 6 -9.19 -6.64 -20.66
N SER B 7 -10.35 -6.36 -21.27
CA SER B 7 -10.79 -5.00 -21.55
C SER B 7 -12.04 -4.62 -20.77
N LYS B 8 -12.92 -5.58 -20.47
CA LYS B 8 -14.09 -5.29 -19.66
C LYS B 8 -14.55 -6.57 -18.98
N ILE B 9 -15.31 -6.39 -17.90
CA ILE B 9 -15.90 -7.48 -17.14
C ILE B 9 -17.27 -7.02 -16.67
N GLU B 10 -18.32 -7.77 -17.02
CA GLU B 10 -19.69 -7.45 -16.68
C GLU B 10 -20.27 -8.60 -15.85
N LEU B 11 -20.20 -8.47 -14.53
CA LEU B 11 -20.70 -9.48 -13.62
C LEU B 11 -22.12 -9.13 -13.20
N SER B 12 -23.02 -10.10 -13.27
CA SER B 12 -24.44 -9.88 -13.00
C SER B 12 -24.92 -10.80 -11.89
N LYS B 13 -25.53 -10.21 -10.87
CA LYS B 13 -26.19 -10.97 -9.80
C LYS B 13 -25.21 -11.88 -9.07
N ILE B 14 -23.95 -11.46 -8.95
CA ILE B 14 -22.97 -12.25 -8.22
C ILE B 14 -23.45 -12.43 -6.79
N HIS B 15 -23.49 -13.67 -6.33
CA HIS B 15 -23.96 -14.01 -4.99
C HIS B 15 -25.39 -13.55 -4.74
N ASN B 16 -26.15 -13.30 -5.81
CA ASN B 16 -27.54 -12.86 -5.70
C ASN B 16 -27.66 -11.60 -4.86
N ARG B 17 -26.62 -10.76 -4.85
CA ARG B 17 -26.60 -9.60 -3.98
C ARG B 17 -26.26 -8.31 -4.72
N TYR B 18 -25.46 -8.38 -5.78
CA TYR B 18 -24.99 -7.16 -6.43
C TYR B 18 -24.54 -7.48 -7.86
N ASN B 19 -24.29 -6.41 -8.61
CA ASN B 19 -23.74 -6.45 -9.96
C ASN B 19 -22.45 -5.63 -10.01
N LEU B 20 -21.80 -5.66 -11.18
CA LEU B 20 -20.56 -4.94 -11.37
C LEU B 20 -20.26 -4.84 -12.86
N THR B 21 -19.57 -3.77 -13.24
CA THR B 21 -19.17 -3.53 -14.63
C THR B 21 -17.90 -2.71 -14.59
N VAL B 22 -16.78 -3.33 -14.92
CA VAL B 22 -15.47 -2.71 -14.80
C VAL B 22 -14.78 -2.75 -16.15
N ASP B 23 -14.08 -1.68 -16.49
CA ASP B 23 -13.26 -1.61 -17.69
C ASP B 23 -11.80 -1.49 -17.29
N PHE B 24 -10.94 -2.28 -17.95
CA PHE B 24 -9.54 -2.40 -17.58
C PHE B 24 -8.65 -1.76 -18.63
N PHE B 25 -7.57 -1.14 -18.17
CA PHE B 25 -6.58 -0.53 -19.06
C PHE B 25 -5.72 -1.64 -19.67
N ASN B 26 -4.68 -1.26 -20.40
CA ASN B 26 -3.84 -2.20 -21.12
C ASN B 26 -2.56 -2.56 -20.38
N ASP B 27 -2.04 -1.67 -19.54
CA ASP B 27 -0.74 -1.85 -18.90
C ASP B 27 -0.85 -2.11 -17.41
N LEU B 28 -1.53 -1.24 -16.68
CA LEU B 28 -1.64 -1.37 -15.23
C LEU B 28 -3.03 -0.93 -14.79
N ASN B 29 -3.64 -1.72 -13.91
CA ASN B 29 -4.93 -1.39 -13.32
C ASN B 29 -4.82 -1.53 -11.80
N VAL B 30 -5.17 -0.46 -11.09
CA VAL B 30 -5.16 -0.44 -9.63
C VAL B 30 -6.60 -0.28 -9.17
N ILE B 31 -7.08 -1.24 -8.39
CA ILE B 31 -8.47 -1.31 -7.96
C ILE B 31 -8.53 -1.03 -6.46
N HIS B 32 -9.33 -0.04 -6.07
CA HIS B 32 -9.50 0.31 -4.68
C HIS B 32 -10.98 0.51 -4.38
N GLY B 33 -11.35 0.27 -3.13
CA GLY B 33 -12.75 0.38 -2.74
C GLY B 33 -12.91 0.12 -1.26
N LYS B 34 -14.15 0.30 -0.80
CA LYS B 34 -14.47 0.09 0.60
C LYS B 34 -14.64 -1.41 0.88
N ASN B 35 -14.64 -1.74 2.17
CA ASN B 35 -14.85 -3.13 2.56
C ASN B 35 -16.19 -3.63 2.04
N GLY B 36 -16.19 -4.86 1.55
CA GLY B 36 -17.39 -5.48 1.01
C GLY B 36 -17.53 -5.36 -0.50
N ALA B 37 -16.74 -4.51 -1.14
CA ALA B 37 -16.78 -4.42 -2.60
C ALA B 37 -16.24 -5.70 -3.23
N GLY B 38 -16.72 -5.99 -4.43
CA GLY B 38 -16.34 -7.22 -5.10
C GLY B 38 -14.94 -7.17 -5.68
N LYS B 39 -13.93 -7.01 -4.82
CA LYS B 39 -12.55 -7.00 -5.28
C LYS B 39 -12.02 -8.43 -5.43
N SER B 40 -12.07 -9.20 -4.34
CA SER B 40 -11.59 -10.57 -4.38
C SER B 40 -12.38 -11.40 -5.39
N THR B 41 -13.71 -11.22 -5.41
CA THR B 41 -14.52 -11.95 -6.37
C THR B 41 -14.17 -11.56 -7.81
N LEU B 42 -13.88 -10.28 -8.04
CA LEU B 42 -13.52 -9.85 -9.38
C LEU B 42 -12.20 -10.47 -9.83
N ILE B 43 -11.20 -10.47 -8.95
CA ILE B 43 -9.93 -11.08 -9.31
C ILE B 43 -10.12 -12.57 -9.56
N HIS B 44 -10.93 -13.23 -8.73
CA HIS B 44 -11.17 -14.65 -8.92
C HIS B 44 -11.85 -14.91 -10.26
N VAL B 45 -12.82 -14.08 -10.62
CA VAL B 45 -13.53 -14.27 -11.88
C VAL B 45 -12.59 -14.09 -13.06
N ILE B 46 -11.69 -13.11 -12.98
CA ILE B 46 -10.80 -12.88 -14.11
C ILE B 46 -9.75 -14.00 -14.21
N ALA B 47 -9.31 -14.52 -13.07
CA ALA B 47 -8.37 -15.63 -13.09
C ALA B 47 -9.03 -16.89 -13.62
N ASN B 48 -10.27 -17.17 -13.21
CA ASN B 48 -10.93 -18.37 -13.68
C ASN B 48 -11.29 -18.27 -15.16
N ILE B 49 -11.65 -17.08 -15.64
CA ILE B 49 -11.99 -16.93 -17.05
C ILE B 49 -10.76 -17.05 -17.93
N VAL B 50 -9.66 -16.40 -17.56
CA VAL B 50 -8.46 -16.47 -18.38
C VAL B 50 -7.93 -17.91 -18.46
N ASN B 51 -7.72 -18.55 -17.31
CA ASN B 51 -7.15 -19.90 -17.31
C ASN B 51 -8.05 -20.91 -18.02
N GLY B 52 -9.27 -20.54 -18.37
CA GLY B 52 -10.21 -21.48 -18.94
C GLY B 52 -10.83 -22.42 -17.94
N ASP B 53 -10.66 -22.17 -16.65
CA ASP B 53 -11.18 -23.03 -15.60
C ASP B 53 -12.69 -22.76 -15.44
N PHE B 54 -13.43 -23.11 -16.49
CA PHE B 54 -14.87 -22.91 -16.45
C PHE B 54 -15.57 -23.91 -15.56
N ILE B 55 -14.92 -25.03 -15.25
CA ILE B 55 -15.54 -26.02 -14.39
C ILE B 55 -15.73 -25.47 -13.00
N ARG B 56 -15.01 -24.41 -12.66
CA ARG B 56 -15.10 -23.83 -11.33
C ARG B 56 -16.34 -22.95 -11.18
N PHE B 57 -16.94 -22.53 -12.29
CA PHE B 57 -18.09 -21.64 -12.18
C PHE B 57 -19.33 -22.39 -11.72
N ALA B 58 -19.26 -23.70 -11.60
CA ALA B 58 -20.32 -24.45 -10.94
C ALA B 58 -20.38 -24.13 -9.44
N PHE B 59 -19.36 -23.44 -8.91
CA PHE B 59 -19.30 -23.13 -7.49
C PHE B 59 -19.57 -21.66 -7.19
N LEU B 60 -20.11 -20.91 -8.15
CA LEU B 60 -20.47 -19.51 -7.95
C LEU B 60 -21.94 -19.33 -8.26
N ILE B 61 -22.60 -18.48 -7.48
CA ILE B 61 -24.02 -18.21 -7.63
C ILE B 61 -24.13 -16.88 -8.36
N PHE B 62 -24.40 -16.93 -9.66
CA PHE B 62 -24.46 -15.74 -10.49
C PHE B 62 -25.54 -15.93 -11.55
N GLU B 63 -25.79 -14.87 -12.31
CA GLU B 63 -26.81 -14.86 -13.36
C GLU B 63 -26.24 -14.77 -14.76
N GLU B 64 -25.23 -13.92 -14.97
CA GLU B 64 -24.57 -13.83 -16.27
C GLU B 64 -23.25 -13.08 -16.17
N ILE B 65 -22.16 -13.69 -16.60
CA ILE B 65 -20.84 -13.08 -16.58
C ILE B 65 -20.37 -12.93 -18.02
N LYS B 66 -19.75 -11.78 -18.31
CA LYS B 66 -19.40 -11.40 -19.68
C LYS B 66 -18.02 -10.78 -19.65
N ALA B 67 -17.02 -11.51 -20.14
CA ALA B 67 -15.63 -11.08 -20.12
C ALA B 67 -15.17 -10.92 -21.55
N THR B 68 -14.56 -9.77 -21.85
CA THR B 68 -14.14 -9.42 -23.20
C THR B 68 -12.66 -9.10 -23.21
N TYR B 69 -11.90 -9.79 -24.05
CA TYR B 69 -10.48 -9.54 -24.18
C TYR B 69 -10.23 -8.39 -25.15
N SER B 70 -8.97 -7.96 -25.20
CA SER B 70 -8.59 -6.94 -26.18
C SER B 70 -8.67 -7.50 -27.60
N ASP B 71 -8.30 -8.78 -27.78
CA ASP B 71 -8.24 -9.35 -29.11
C ASP B 71 -9.60 -9.33 -29.78
N GLY B 72 -10.67 -9.60 -29.03
CA GLY B 72 -12.00 -9.57 -29.59
C GLY B 72 -12.96 -10.60 -29.03
N LEU B 73 -12.44 -11.64 -28.38
CA LEU B 73 -13.31 -12.66 -27.81
C LEU B 73 -14.20 -12.06 -26.73
N LYS B 74 -15.40 -12.62 -26.59
CA LYS B 74 -16.43 -12.09 -25.70
C LYS B 74 -17.07 -13.22 -24.92
N ILE B 75 -16.24 -14.03 -24.24
CA ILE B 75 -16.71 -15.12 -23.40
C ILE B 75 -17.90 -14.65 -22.57
N VAL B 76 -18.97 -15.44 -22.56
CA VAL B 76 -20.18 -15.11 -21.82
C VAL B 76 -20.67 -16.39 -21.15
N ILE B 77 -20.70 -16.39 -19.81
CA ILE B 77 -21.08 -17.56 -19.03
C ILE B 77 -22.43 -17.26 -18.39
N ARG B 78 -23.39 -18.15 -18.58
CA ARG B 78 -24.73 -17.99 -18.07
C ARG B 78 -25.09 -19.18 -17.20
N ARG B 79 -25.52 -18.91 -15.97
CA ARG B 79 -26.04 -19.93 -15.08
C ARG B 79 -27.56 -19.85 -15.09
N ASP B 80 -28.22 -20.97 -15.36
CA ASP B 80 -29.66 -20.98 -15.55
C ASP B 80 -30.24 -22.23 -14.90
N LYS B 81 -31.56 -22.26 -14.80
CA LYS B 81 -32.30 -23.38 -14.23
C LYS B 81 -33.24 -23.94 -15.27
N ILE B 82 -33.11 -25.24 -15.55
CA ILE B 82 -34.01 -25.94 -16.45
C ILE B 82 -34.39 -27.26 -15.78
N ASP B 83 -35.70 -27.49 -15.63
CA ASP B 83 -36.20 -28.68 -14.96
C ASP B 83 -35.63 -28.78 -13.54
N GLU B 84 -35.48 -27.62 -12.89
CA GLU B 84 -34.95 -27.55 -11.53
C GLU B 84 -33.52 -28.09 -11.46
N GLN B 85 -32.80 -27.99 -12.58
CA GLN B 85 -31.40 -28.39 -12.66
C GLN B 85 -30.58 -27.20 -13.11
N SER B 86 -29.46 -26.95 -12.43
CA SER B 86 -28.62 -25.80 -12.72
C SER B 86 -27.66 -26.14 -13.86
N PHE B 87 -27.58 -25.26 -14.86
CA PHE B 87 -26.73 -25.46 -16.02
C PHE B 87 -25.85 -24.23 -16.20
N ILE B 88 -24.58 -24.46 -16.53
CA ILE B 88 -23.64 -23.39 -16.83
C ILE B 88 -23.31 -23.50 -18.32
N SER B 89 -23.74 -22.51 -19.08
CA SER B 89 -23.52 -22.46 -20.53
C SER B 89 -22.47 -21.41 -20.83
N VAL B 90 -21.40 -21.82 -21.51
CA VAL B 90 -20.28 -20.96 -21.86
C VAL B 90 -20.37 -20.73 -23.36
N THR B 91 -20.63 -19.49 -23.76
CA THR B 91 -20.81 -19.11 -25.15
C THR B 91 -19.73 -18.14 -25.56
N LEU B 92 -19.04 -18.44 -26.66
CA LEU B 92 -18.03 -17.56 -27.20
C LEU B 92 -18.64 -16.63 -28.24
N SER B 93 -17.83 -15.69 -28.74
CA SER B 93 -18.27 -14.80 -29.80
C SER B 93 -18.19 -15.44 -31.18
N ASN B 94 -17.48 -16.58 -31.31
CA ASN B 94 -17.41 -17.28 -32.58
C ASN B 94 -18.72 -17.96 -32.94
N GLY B 95 -19.65 -18.10 -32.00
CA GLY B 95 -20.89 -18.82 -32.20
C GLY B 95 -20.95 -20.18 -31.55
N LYS B 96 -19.86 -20.63 -30.92
CA LYS B 96 -19.84 -21.92 -30.27
C LYS B 96 -20.47 -21.82 -28.88
N TYR B 97 -20.63 -22.98 -28.24
CA TYR B 97 -21.25 -23.03 -26.92
C TYR B 97 -21.05 -24.41 -26.33
N ILE B 98 -20.76 -24.45 -25.03
CA ILE B 98 -20.71 -25.70 -24.27
C ILE B 98 -21.54 -25.52 -23.01
N LYS B 99 -22.42 -26.47 -22.73
CA LYS B 99 -23.29 -26.41 -21.56
C LYS B 99 -23.04 -27.63 -20.70
N PHE B 100 -22.76 -27.42 -19.42
CA PHE B 100 -22.53 -28.52 -18.50
C PHE B 100 -23.32 -28.31 -17.22
N ALA B 101 -23.73 -29.43 -16.63
CA ALA B 101 -24.57 -29.41 -15.44
C ALA B 101 -23.74 -29.17 -14.19
N VAL B 102 -24.31 -28.39 -13.27
CA VAL B 102 -23.63 -28.10 -12.01
C VAL B 102 -23.46 -29.37 -11.17
N GLY B 103 -24.42 -30.28 -11.22
CA GLY B 103 -24.28 -31.52 -10.48
C GLY B 103 -23.07 -32.33 -10.91
N GLU B 104 -22.83 -32.41 -12.22
CA GLU B 104 -21.65 -33.12 -12.71
C GLU B 104 -20.37 -32.45 -12.24
N ALA B 105 -20.33 -31.12 -12.26
CA ALA B 105 -19.13 -30.42 -11.81
C ALA B 105 -18.87 -30.66 -10.33
N MET B 106 -19.93 -30.58 -9.51
CA MET B 106 -19.75 -30.82 -8.08
C MET B 106 -19.29 -32.25 -7.81
N ALA B 107 -19.89 -33.22 -8.51
CA ALA B 107 -19.48 -34.61 -8.31
C ALA B 107 -18.02 -34.82 -8.72
N THR B 108 -17.62 -34.24 -9.86
CA THR B 108 -16.24 -34.40 -10.31
C THR B 108 -15.27 -33.76 -9.32
N VAL B 109 -15.60 -32.57 -8.83
CA VAL B 109 -14.71 -31.90 -7.89
C VAL B 109 -14.61 -32.68 -6.59
N ARG B 110 -15.72 -33.27 -6.14
CA ARG B 110 -15.68 -34.13 -4.98
C ARG B 110 -14.79 -35.35 -5.22
N GLU B 111 -14.89 -35.96 -6.41
CA GLU B 111 -14.08 -37.13 -6.72
C GLU B 111 -12.60 -36.76 -6.78
N ILE B 112 -12.26 -35.72 -7.52
CA ILE B 112 -10.87 -35.29 -7.65
C ILE B 112 -10.41 -34.62 -6.37
N SER B 125 -12.94 -37.15 -16.09
CA SER B 125 -14.38 -37.15 -16.30
C SER B 125 -14.73 -36.61 -17.69
N MET B 126 -15.91 -36.98 -18.18
CA MET B 126 -16.30 -36.53 -19.51
C MET B 126 -16.42 -35.02 -19.58
N LEU B 127 -17.01 -34.39 -18.57
CA LEU B 127 -17.17 -32.94 -18.59
C LEU B 127 -15.82 -32.24 -18.58
N ALA B 128 -14.87 -32.75 -17.80
CA ALA B 128 -13.54 -32.15 -17.78
C ALA B 128 -12.89 -32.25 -19.16
N MET B 129 -13.02 -33.40 -19.82
CA MET B 129 -12.46 -33.55 -21.16
C MET B 129 -13.12 -32.60 -22.13
N ASP B 130 -14.45 -32.44 -22.05
CA ASP B 130 -15.14 -31.51 -22.95
C ASP B 130 -14.69 -30.07 -22.70
N ILE B 131 -14.53 -29.70 -21.44
CA ILE B 131 -14.07 -28.35 -21.12
C ILE B 131 -12.67 -28.12 -21.70
N ASP B 132 -11.78 -29.11 -21.53
CA ASP B 132 -10.44 -28.98 -22.08
C ASP B 132 -10.48 -28.87 -23.60
N LYS B 133 -11.34 -29.66 -24.24
CA LYS B 133 -11.44 -29.62 -25.69
C LYS B 133 -11.91 -28.25 -26.16
N PHE B 134 -12.91 -27.69 -25.49
CA PHE B 134 -13.36 -26.36 -25.85
C PHE B 134 -12.26 -25.33 -25.65
N VAL B 135 -11.52 -25.44 -24.55
CA VAL B 135 -10.46 -24.47 -24.26
C VAL B 135 -9.39 -24.52 -25.34
N LYS B 136 -8.95 -25.73 -25.70
CA LYS B 136 -7.84 -25.86 -26.64
C LYS B 136 -8.27 -25.54 -28.07
N GLU B 137 -9.46 -25.98 -28.47
CA GLU B 137 -9.89 -25.79 -29.85
C GLU B 137 -10.04 -24.31 -30.18
N ASN B 138 -10.60 -23.53 -29.25
CA ASN B 138 -10.92 -22.14 -29.50
C ASN B 138 -9.80 -21.18 -29.09
N GLU B 139 -8.62 -21.69 -28.75
CA GLU B 139 -7.50 -20.86 -28.35
C GLU B 139 -7.88 -19.96 -27.17
N LEU B 140 -8.15 -20.63 -26.04
CA LEU B 140 -8.59 -19.95 -24.83
C LEU B 140 -7.54 -19.96 -23.73
N GLN B 141 -6.59 -20.89 -23.76
CA GLN B 141 -5.50 -20.93 -22.79
C GLN B 141 -4.28 -20.16 -23.29
N LYS B 142 -4.47 -19.15 -24.13
CA LYS B 142 -3.33 -18.47 -24.74
C LYS B 142 -2.43 -17.84 -23.69
N VAL B 143 -3.00 -17.16 -22.70
CA VAL B 143 -2.24 -16.50 -21.65
C VAL B 143 -2.72 -16.99 -20.31
N ARG B 144 -1.80 -17.42 -19.46
CA ARG B 144 -2.14 -17.84 -18.11
C ARG B 144 -2.37 -16.60 -17.25
N ALA B 145 -2.54 -16.79 -15.93
CA ALA B 145 -2.77 -15.68 -15.02
C ALA B 145 -2.14 -16.01 -13.67
N SER B 146 -1.02 -15.38 -13.38
CA SER B 146 -0.46 -15.50 -12.04
C SER B 146 -1.44 -14.87 -11.05
N TYR B 147 -1.65 -15.55 -9.93
CA TYR B 147 -2.60 -15.11 -8.91
C TYR B 147 -1.88 -15.10 -7.57
N PHE B 148 -1.69 -13.91 -7.02
CA PHE B 148 -1.11 -13.72 -5.71
C PHE B 148 -2.23 -13.50 -4.69
N PRO B 149 -2.70 -14.57 -4.03
CA PRO B 149 -3.81 -14.43 -3.09
C PRO B 149 -3.46 -13.50 -1.93
N ALA B 150 -4.49 -13.23 -1.12
CA ALA B 150 -4.28 -12.48 0.11
C ALA B 150 -3.52 -13.28 1.16
N PHE B 151 -3.41 -14.60 0.98
CA PHE B 151 -2.79 -15.51 1.95
C PHE B 151 -1.58 -16.13 1.27
N ARG B 152 -0.47 -15.41 1.29
CA ARG B 152 0.74 -15.87 0.61
C ARG B 152 1.78 -16.43 1.57
N THR B 153 1.85 -15.91 2.79
CA THR B 153 2.83 -16.42 3.75
C THR B 153 2.41 -17.78 4.29
N MET B 154 1.11 -17.97 4.55
CA MET B 154 0.64 -19.26 5.04
C MET B 154 0.81 -20.34 4.00
N LEU B 155 0.47 -20.06 2.74
CA LEU B 155 0.61 -21.07 1.70
C LEU B 155 2.07 -21.30 1.35
N GLU B 156 2.87 -20.23 1.31
CA GLU B 156 4.30 -20.39 1.07
C GLU B 156 4.93 -21.25 2.15
N ALA B 157 4.58 -20.99 3.41
CA ALA B 157 5.07 -21.82 4.52
C ALA B 157 4.52 -23.23 4.44
N TRP B 158 3.39 -23.43 3.78
CA TRP B 158 2.83 -24.76 3.56
C TRP B 158 3.57 -25.45 2.41
N SER B 159 4.89 -25.52 2.56
CA SER B 159 5.76 -26.27 1.67
C SER B 159 6.46 -27.43 2.37
N SER B 160 6.54 -27.41 3.70
CA SER B 160 7.03 -28.52 4.49
C SER B 160 6.38 -29.84 4.04
N PHE B 175 2.80 -31.64 -7.57
CA PHE B 175 2.90 -30.22 -7.90
C PHE B 175 2.59 -29.36 -6.69
N TYR B 176 3.41 -28.33 -6.45
CA TYR B 176 3.07 -27.33 -5.45
C TYR B 176 1.69 -26.73 -5.72
N ASN B 177 1.43 -26.40 -6.99
CA ASN B 177 0.19 -25.74 -7.34
C ASN B 177 -1.02 -26.56 -6.93
N ARG B 178 -1.00 -27.87 -7.25
CA ARG B 178 -2.18 -28.69 -7.02
C ARG B 178 -2.47 -28.82 -5.53
N LYS B 179 -1.47 -29.19 -4.74
CA LYS B 179 -1.69 -29.37 -3.30
C LYS B 179 -2.07 -28.06 -2.64
N ALA B 180 -1.38 -26.98 -2.96
CA ALA B 180 -1.71 -25.69 -2.36
C ALA B 180 -3.12 -25.26 -2.73
N SER B 181 -3.52 -25.48 -3.98
CA SER B 181 -4.86 -25.11 -4.40
C SER B 181 -5.91 -25.94 -3.68
N ALA B 182 -5.67 -27.24 -3.54
CA ALA B 182 -6.60 -28.08 -2.79
C ALA B 182 -6.76 -27.56 -1.37
N PHE B 183 -5.65 -27.23 -0.71
CA PHE B 183 -5.73 -26.70 0.66
C PHE B 183 -6.52 -25.40 0.70
N ALA B 184 -6.17 -24.47 -0.18
CA ALA B 184 -6.82 -23.17 -0.18
C ALA B 184 -8.29 -23.25 -0.56
N ARG B 185 -8.70 -24.30 -1.26
CA ARG B 185 -10.11 -24.46 -1.58
C ARG B 185 -10.85 -25.12 -0.43
N GLU B 186 -10.19 -26.06 0.26
CA GLU B 186 -10.78 -26.61 1.47
C GLU B 186 -11.01 -25.53 2.50
N LEU B 187 -10.18 -24.48 2.49
CA LEU B 187 -10.37 -23.37 3.42
C LEU B 187 -11.34 -22.32 2.89
N PHE B 188 -11.03 -21.70 1.76
CA PHE B 188 -11.71 -20.50 1.26
C PHE B 188 -12.68 -20.80 0.14
N GLY B 189 -13.42 -21.91 0.21
CA GLY B 189 -14.42 -22.19 -0.79
C GLY B 189 -13.82 -22.59 -2.13
N GLN B 190 -14.60 -23.33 -2.93
CA GLN B 190 -14.07 -24.01 -4.10
C GLN B 190 -14.00 -23.12 -5.34
N PHE B 191 -14.44 -21.88 -5.27
CA PHE B 191 -14.32 -20.99 -6.42
C PHE B 191 -12.93 -20.37 -6.53
N LEU B 192 -12.07 -20.57 -5.54
CA LEU B 192 -10.78 -19.92 -5.54
C LEU B 192 -9.99 -20.34 -6.79
N PRO B 193 -9.29 -19.43 -7.44
CA PRO B 193 -8.48 -19.82 -8.61
C PRO B 193 -7.34 -20.74 -8.20
N SER B 194 -6.70 -21.31 -9.20
CA SER B 194 -5.50 -22.10 -8.96
C SER B 194 -4.36 -21.17 -8.59
N ILE B 195 -3.63 -21.51 -7.53
CA ILE B 195 -2.61 -20.64 -6.97
C ILE B 195 -1.29 -21.01 -7.64
N ASN B 196 -0.85 -20.17 -8.59
CA ASN B 196 0.35 -20.45 -9.37
C ASN B 196 1.30 -19.26 -9.38
N TYR B 197 1.37 -18.52 -8.28
CA TYR B 197 2.41 -17.52 -8.17
C TYR B 197 3.75 -18.20 -7.89
N PRO B 198 4.86 -17.62 -8.36
CA PRO B 198 6.17 -18.27 -8.21
C PRO B 198 6.69 -18.18 -6.78
N SER B 199 6.68 -19.30 -6.08
CA SER B 199 7.13 -19.32 -4.70
C SER B 199 8.64 -19.11 -4.63
N PRO B 200 9.15 -18.71 -3.45
CA PRO B 200 10.61 -18.52 -3.32
C PRO B 200 11.43 -19.75 -3.70
N MET B 201 10.97 -20.95 -3.35
CA MET B 201 11.71 -22.15 -3.73
C MET B 201 11.76 -22.29 -5.24
N GLU B 202 10.63 -22.09 -5.92
CA GLU B 202 10.62 -22.13 -7.37
C GLU B 202 11.50 -21.03 -7.95
N ILE B 203 11.53 -19.87 -7.29
CA ILE B 203 12.37 -18.77 -7.77
C ILE B 203 13.83 -19.17 -7.71
N GLU B 204 14.25 -19.79 -6.60
CA GLU B 204 15.64 -20.23 -6.48
C GLU B 204 15.97 -21.29 -7.53
N ASP B 205 15.08 -22.26 -7.71
CA ASP B 205 15.34 -23.30 -8.69
C ASP B 205 15.45 -22.73 -10.09
N ARG B 206 14.56 -21.80 -10.45
CA ARG B 206 14.58 -21.24 -11.79
C ARG B 206 15.81 -20.36 -12.00
N LEU B 207 16.22 -19.62 -10.96
CA LEU B 207 17.45 -18.85 -11.06
C LEU B 207 18.64 -19.76 -11.29
N ARG B 208 18.70 -20.89 -10.58
CA ARG B 208 19.81 -21.82 -10.77
C ARG B 208 19.79 -22.41 -12.17
N GLU B 209 18.61 -22.76 -12.69
CA GLU B 209 18.53 -23.29 -14.04
C GLU B 209 18.99 -22.26 -15.07
N GLU B 210 18.58 -21.01 -14.89
CA GLU B 210 19.01 -19.95 -15.82
C GLU B 210 20.52 -19.75 -15.73
N ILE B 211 21.07 -19.86 -14.53
CA ILE B 211 22.52 -19.76 -14.35
C ILE B 211 23.22 -20.86 -15.14
N ARG B 212 22.73 -22.10 -15.02
CA ARG B 212 23.34 -23.20 -15.74
C ARG B 212 23.25 -22.99 -17.24
N ARG B 213 22.09 -22.51 -17.71
CA ARG B 213 21.95 -22.23 -19.14
C ARG B 213 22.91 -21.17 -19.60
N ALA B 214 23.10 -20.12 -18.80
CA ALA B 214 24.06 -19.08 -19.15
C ALA B 214 25.47 -19.65 -19.24
N GLN B 215 25.85 -20.50 -18.28
CA GLN B 215 27.18 -21.08 -18.31
C GLN B 215 27.39 -21.93 -19.55
N LEU B 216 26.39 -22.76 -19.90
CA LEU B 216 26.54 -23.63 -21.07
C LEU B 216 26.57 -22.82 -22.36
N GLY B 217 25.76 -21.77 -22.45
CA GLY B 217 25.86 -20.88 -23.59
C GLY B 217 27.22 -20.23 -23.68
N ILE B 218 27.80 -19.86 -22.53
CA ILE B 218 29.13 -19.29 -22.52
C ILE B 218 30.14 -20.29 -23.06
N ALA B 219 30.02 -21.55 -22.65
CA ALA B 219 30.92 -22.58 -23.15
C ALA B 219 30.82 -22.73 -24.66
N ALA B 220 29.57 -22.78 -25.17
CA ALA B 220 29.38 -22.94 -26.61
C ALA B 220 29.97 -21.76 -27.37
N TYR B 221 29.68 -20.53 -26.92
CA TYR B 221 30.26 -19.37 -27.55
C TYR B 221 31.78 -19.39 -27.45
N GLU B 222 32.33 -19.93 -26.36
CA GLU B 222 33.77 -20.00 -26.23
C GLU B 222 34.37 -20.91 -27.28
N SER B 223 33.75 -22.07 -27.52
CA SER B 223 34.24 -22.95 -28.57
C SER B 223 34.16 -22.26 -29.93
N ARG B 224 33.02 -21.64 -30.22
CA ARG B 224 32.87 -20.98 -31.52
C ARG B 224 33.87 -19.85 -31.68
N THR B 225 34.12 -19.10 -30.61
CA THR B 225 35.08 -18.00 -30.66
C THR B 225 36.50 -18.54 -30.84
N PHE B 226 36.82 -19.68 -30.24
CA PHE B 226 38.12 -20.29 -30.46
C PHE B 226 38.30 -20.59 -31.95
N SER B 227 37.30 -21.23 -32.56
CA SER B 227 37.40 -21.54 -33.98
C SER B 227 37.54 -20.27 -34.81
N GLU B 228 36.63 -19.31 -34.62
CA GLU B 228 36.66 -18.10 -35.42
C GLU B 228 37.93 -17.29 -35.17
N SER B 229 38.52 -17.38 -33.99
CA SER B 229 39.75 -16.66 -33.71
C SER B 229 40.92 -17.31 -34.42
N PHE B 230 40.96 -18.64 -34.46
CA PHE B 230 41.92 -19.32 -35.31
C PHE B 230 41.78 -18.83 -36.75
N VAL B 231 40.54 -18.73 -37.23
CA VAL B 231 40.31 -18.29 -38.60
C VAL B 231 40.83 -16.87 -38.80
N LYS B 232 40.52 -15.98 -37.85
CA LYS B 232 40.91 -14.58 -38.00
C LYS B 232 42.42 -14.41 -37.96
N VAL B 233 43.08 -15.11 -37.03
CA VAL B 233 44.54 -15.06 -36.99
C VAL B 233 45.13 -15.57 -38.30
N PHE B 234 44.60 -16.68 -38.82
CA PHE B 234 45.11 -17.21 -40.07
C PHE B 234 44.92 -16.20 -41.19
N SER B 235 43.76 -15.57 -41.26
CA SER B 235 43.51 -14.57 -42.30
C SER B 235 44.50 -13.41 -42.18
N ALA B 236 44.80 -13.00 -40.95
CA ALA B 236 45.87 -12.03 -40.75
C ALA B 236 47.20 -12.58 -41.26
N LEU B 237 47.40 -13.89 -41.18
CA LEU B 237 48.63 -14.51 -41.68
C LEU B 237 48.78 -14.39 -43.19
N PHE B 238 47.71 -14.04 -43.90
CA PHE B 238 47.79 -13.85 -45.35
C PHE B 238 46.58 -13.07 -45.84
N LEU B 251 46.64 1.23 -28.15
CA LEU B 251 45.47 0.36 -28.02
C LEU B 251 45.68 -0.67 -26.92
N LEU B 252 46.96 -1.01 -26.68
CA LEU B 252 47.26 -2.00 -25.64
C LEU B 252 46.72 -1.58 -24.28
N LYS B 253 46.58 -0.27 -24.04
CA LYS B 253 46.00 0.20 -22.79
C LYS B 253 44.55 -0.27 -22.66
N GLU B 254 43.78 -0.18 -23.74
CA GLU B 254 42.40 -0.63 -23.69
C GLU B 254 42.32 -2.12 -23.39
N ILE B 255 43.21 -2.90 -24.00
CA ILE B 255 43.23 -4.34 -23.73
C ILE B 255 43.60 -4.61 -22.28
N GLU B 256 44.54 -3.81 -21.73
CA GLU B 256 44.86 -3.92 -20.32
C GLU B 256 43.62 -3.71 -19.48
N GLY B 257 42.87 -2.65 -19.75
CA GLY B 257 41.66 -2.37 -19.00
C GLY B 257 40.64 -3.49 -19.12
N LEU B 258 40.43 -3.98 -20.34
CA LEU B 258 39.44 -5.03 -20.55
C LEU B 258 39.83 -6.31 -19.82
N ALA B 259 41.11 -6.69 -19.90
CA ALA B 259 41.56 -7.90 -19.20
C ALA B 259 41.42 -7.73 -17.69
N ILE B 260 41.79 -6.57 -17.17
CA ILE B 260 41.66 -6.33 -15.73
C ILE B 260 40.20 -6.44 -15.31
N ALA B 261 39.30 -5.85 -16.09
CA ALA B 261 37.88 -5.91 -15.75
C ALA B 261 37.37 -7.35 -15.78
N GLN B 262 37.73 -8.11 -16.82
CA GLN B 262 37.17 -9.45 -16.97
C GLN B 262 37.76 -10.41 -15.95
N ASP B 263 39.00 -10.19 -15.52
CA ASP B 263 39.62 -11.10 -14.56
C ASP B 263 38.85 -11.12 -13.25
N SER B 264 38.47 -9.95 -12.75
CA SER B 264 37.74 -9.82 -11.50
C SER B 264 36.24 -9.76 -11.82
N SER B 265 35.61 -10.92 -11.84
CA SER B 265 34.18 -11.00 -12.10
C SER B 265 33.65 -12.37 -11.72
N ILE B 266 32.56 -12.41 -10.93
CA ILE B 266 31.99 -13.69 -10.51
C ILE B 266 31.54 -14.49 -11.72
N LYS B 267 31.20 -13.82 -12.81
CA LYS B 267 30.72 -14.54 -14.00
C LYS B 267 31.84 -15.38 -14.62
N ASN B 268 33.05 -14.86 -14.65
CA ASN B 268 34.19 -15.51 -15.30
C ASN B 268 35.26 -15.88 -14.28
N GLY B 269 34.84 -16.40 -13.12
CA GLY B 269 35.78 -16.74 -12.07
C GLY B 269 36.52 -18.04 -12.28
N TYR B 270 36.02 -18.93 -13.14
CA TYR B 270 36.63 -20.24 -13.31
C TYR B 270 38.04 -20.12 -13.87
N TYR B 271 38.16 -19.64 -15.11
CA TYR B 271 39.47 -19.47 -15.72
C TYR B 271 40.31 -18.47 -14.92
N ALA B 272 39.86 -17.22 -14.88
CA ALA B 272 40.49 -16.18 -14.06
C ALA B 272 41.95 -15.91 -14.42
N GLU B 273 42.48 -16.59 -15.42
CA GLU B 273 43.88 -16.41 -15.82
C GLU B 273 43.98 -15.44 -16.99
N TYR B 274 43.59 -14.19 -16.74
CA TYR B 274 43.64 -13.14 -17.74
C TYR B 274 44.72 -12.12 -17.49
N SER B 275 44.97 -11.74 -16.23
CA SER B 275 46.04 -10.79 -15.95
C SER B 275 47.40 -11.36 -16.34
N LYS B 276 47.63 -12.64 -16.05
CA LYS B 276 48.90 -13.26 -16.40
C LYS B 276 49.12 -13.21 -17.91
N VAL B 277 48.08 -13.52 -18.69
CA VAL B 277 48.21 -13.53 -20.14
C VAL B 277 48.58 -12.14 -20.63
N TYR B 278 47.90 -11.12 -20.12
CA TYR B 278 48.17 -9.75 -20.58
C TYR B 278 49.59 -9.34 -20.22
N GLU B 279 50.02 -9.65 -18.99
CA GLU B 279 51.38 -9.29 -18.59
C GLU B 279 52.41 -9.98 -19.47
N GLU B 280 52.22 -11.27 -19.74
CA GLU B 280 53.15 -11.99 -20.59
C GLU B 280 53.17 -11.40 -22.00
N ILE B 281 52.00 -11.05 -22.52
CA ILE B 281 51.93 -10.48 -23.88
C ILE B 281 52.65 -9.14 -23.91
N ARG B 282 52.43 -8.31 -22.89
CA ARG B 282 53.13 -7.03 -22.83
C ARG B 282 54.64 -7.22 -22.79
N SER B 283 55.10 -8.19 -21.99
CA SER B 283 56.54 -8.44 -21.91
C SER B 283 57.08 -8.90 -23.26
N LEU B 284 56.36 -9.81 -23.93
CA LEU B 284 56.81 -10.28 -25.22
C LEU B 284 56.85 -9.16 -26.25
N ILE B 285 55.82 -8.32 -26.27
CA ILE B 285 55.78 -7.21 -27.21
C ILE B 285 56.94 -6.25 -26.95
N ASN B 286 57.19 -5.93 -25.68
CA ASN B 286 58.30 -5.06 -25.36
C ASN B 286 59.63 -5.67 -25.80
N ARG B 287 59.80 -6.98 -25.58
CA ARG B 287 61.03 -7.63 -25.96
C ARG B 287 61.26 -7.54 -27.47
N ASN B 288 60.22 -7.77 -28.26
CA ASN B 288 60.33 -7.70 -29.71
C ASN B 288 60.38 -6.25 -30.17
N VAL B 297 51.56 -7.46 -36.84
CA VAL B 297 52.14 -7.17 -35.54
C VAL B 297 51.05 -6.70 -34.59
N SER B 298 50.81 -5.39 -34.56
CA SER B 298 49.74 -4.84 -33.74
C SER B 298 48.36 -5.36 -34.18
N GLY B 299 48.25 -5.88 -35.40
CA GLY B 299 47.00 -6.51 -35.80
C GLY B 299 46.60 -7.65 -34.90
N ALA B 300 47.60 -8.40 -34.39
CA ALA B 300 47.29 -9.44 -33.42
C ALA B 300 46.66 -8.85 -32.17
N LEU B 301 47.21 -7.72 -31.69
CA LEU B 301 46.61 -7.06 -30.54
C LEU B 301 45.20 -6.58 -30.83
N VAL B 302 44.96 -6.09 -32.06
CA VAL B 302 43.62 -5.66 -32.42
C VAL B 302 42.65 -6.84 -32.38
N VAL B 303 43.07 -7.98 -32.94
CA VAL B 303 42.25 -9.18 -32.90
C VAL B 303 41.96 -9.58 -31.45
N TYR B 304 42.98 -9.50 -30.60
CA TYR B 304 42.79 -9.87 -29.20
C TYR B 304 41.78 -8.95 -28.52
N ARG B 305 41.89 -7.64 -28.78
CA ARG B 305 40.95 -6.70 -28.18
C ARG B 305 39.53 -6.98 -28.64
N ASP B 306 39.36 -7.26 -29.93
CA ASP B 306 38.04 -7.61 -30.44
C ASP B 306 37.51 -8.87 -29.75
N ALA B 307 38.38 -9.88 -29.58
CA ALA B 307 37.94 -11.13 -28.96
C ALA B 307 37.51 -10.90 -27.52
N LEU B 308 38.29 -10.15 -26.76
CA LEU B 308 37.95 -9.91 -25.36
C LEU B 308 36.67 -9.10 -25.23
N ARG B 309 36.52 -8.05 -26.06
CA ARG B 309 35.29 -7.28 -26.03
C ARG B 309 34.09 -8.14 -26.39
N ASP B 310 34.25 -9.02 -27.39
CA ASP B 310 33.14 -9.88 -27.77
C ASP B 310 32.75 -10.83 -26.66
N ARG B 311 33.75 -11.42 -25.97
CA ARG B 311 33.43 -12.32 -24.87
C ARG B 311 32.74 -11.56 -23.73
N GLN B 312 33.20 -10.36 -23.41
CA GLN B 312 32.56 -9.58 -22.37
C GLN B 312 31.12 -9.23 -22.76
N ASP B 313 30.89 -8.88 -24.02
CA ASP B 313 29.54 -8.55 -24.47
C ASP B 313 28.62 -9.75 -24.38
N TYR B 314 29.09 -10.92 -24.85
CA TYR B 314 28.25 -12.10 -24.76
C TYR B 314 27.99 -12.47 -23.32
N GLN B 315 28.97 -12.28 -22.44
CA GLN B 315 28.75 -12.59 -21.02
C GLN B 315 27.69 -11.68 -20.43
N GLU B 316 27.72 -10.39 -20.79
CA GLU B 316 26.69 -9.48 -20.32
C GLU B 316 25.32 -9.87 -20.86
N LYS B 317 25.28 -10.36 -22.11
CA LYS B 317 23.99 -10.71 -22.71
C LYS B 317 23.43 -12.00 -22.16
N ALA B 318 24.28 -12.95 -21.78
CA ALA B 318 23.80 -14.25 -21.30
C ALA B 318 23.15 -14.12 -19.93
N PHE B 319 23.79 -13.41 -19.01
CA PHE B 319 23.26 -13.18 -17.67
C PHE B 319 22.34 -11.97 -17.62
N SER B 320 21.76 -11.57 -18.75
CA SER B 320 20.99 -10.33 -18.78
C SER B 320 19.77 -10.42 -17.86
N GLU B 321 18.95 -11.47 -18.03
CA GLU B 321 17.71 -11.57 -17.27
C GLU B 321 18.00 -11.72 -15.78
N ILE B 322 18.93 -12.61 -15.44
CA ILE B 322 19.23 -12.85 -14.03
C ILE B 322 19.83 -11.60 -13.39
N ASP B 323 20.77 -10.95 -14.09
CA ASP B 323 21.37 -9.74 -13.54
C ASP B 323 20.34 -8.64 -13.37
N ASN B 324 19.44 -8.49 -14.34
CA ASN B 324 18.41 -7.46 -14.24
C ASN B 324 17.48 -7.72 -13.07
N TYR B 325 17.04 -8.98 -12.90
CA TYR B 325 16.17 -9.31 -11.77
C TYR B 325 16.88 -9.07 -10.45
N MET B 326 18.15 -9.48 -10.35
CA MET B 326 18.90 -9.27 -9.11
C MET B 326 19.09 -7.79 -8.82
N SER B 327 19.34 -6.98 -9.85
CA SER B 327 19.46 -5.54 -9.66
C SER B 327 18.16 -4.94 -9.19
N SER B 328 17.03 -5.36 -9.78
CA SER B 328 15.74 -4.86 -9.34
C SER B 328 15.49 -5.21 -7.88
N VAL B 329 15.79 -6.45 -7.49
CA VAL B 329 15.59 -6.87 -6.11
C VAL B 329 16.52 -6.11 -5.18
N ASN B 330 17.73 -5.82 -5.62
CA ASN B 330 18.72 -5.13 -4.80
C ASN B 330 18.48 -3.63 -4.72
N SER B 331 17.63 -3.06 -5.58
CA SER B 331 17.17 -1.70 -5.36
C SER B 331 16.38 -1.59 -4.07
N PHE B 332 15.88 -2.70 -3.54
CA PHE B 332 15.07 -2.71 -2.33
C PHE B 332 15.87 -3.13 -1.10
N LEU B 333 16.44 -4.33 -1.12
CA LEU B 333 17.02 -4.92 0.08
C LEU B 333 18.16 -4.05 0.60
N GLU B 334 18.11 -3.77 1.90
CA GLU B 334 19.14 -2.98 2.58
C GLU B 334 19.80 -3.85 3.66
N ASP B 335 21.12 -3.79 3.73
CA ASP B 335 21.97 -4.59 4.61
C ASP B 335 22.18 -5.99 4.06
N LYS B 336 21.60 -6.34 2.92
CA LYS B 336 21.81 -7.61 2.26
C LYS B 336 22.14 -7.35 0.80
N GLU B 337 22.39 -8.44 0.06
CA GLU B 337 22.60 -8.33 -1.38
C GLU B 337 22.37 -9.72 -1.98
N MET B 338 21.31 -9.87 -2.76
CA MET B 338 21.11 -11.09 -3.51
C MET B 338 22.23 -11.25 -4.52
N ALA B 339 22.84 -12.42 -4.55
CA ALA B 339 24.01 -12.62 -5.39
C ALA B 339 24.18 -14.10 -5.66
N TYR B 340 25.10 -14.41 -6.57
CA TYR B 340 25.40 -15.78 -6.93
C TYR B 340 26.91 -15.96 -6.99
N ASP B 341 27.33 -17.22 -6.83
CA ASP B 341 28.74 -17.59 -6.91
C ASP B 341 28.85 -18.90 -7.66
N PHE B 342 29.45 -18.84 -8.85
CA PHE B 342 29.75 -20.04 -9.65
C PHE B 342 31.17 -20.51 -9.36
N ASP B 343 31.53 -20.72 -8.11
CA ASP B 343 32.87 -21.13 -7.76
C ASP B 343 32.87 -21.92 -6.47
N LEU B 344 33.92 -22.72 -6.28
CA LEU B 344 34.13 -23.55 -5.10
C LEU B 344 34.81 -24.86 -5.48
N ARG B 345 34.76 -25.22 -6.76
CA ARG B 345 35.08 -26.54 -7.29
C ARG B 345 33.92 -27.50 -7.04
N ARG B 346 32.89 -27.09 -6.31
CA ARG B 346 31.67 -27.87 -6.15
C ARG B 346 30.69 -27.42 -7.22
N LYS B 347 30.49 -28.25 -8.24
CA LYS B 347 29.75 -27.83 -9.42
C LYS B 347 28.27 -27.73 -9.12
N TYR B 348 27.88 -26.68 -8.39
CA TYR B 348 26.49 -26.30 -8.20
C TYR B 348 26.46 -24.81 -7.87
N PRO B 349 25.90 -23.97 -8.74
CA PRO B 349 25.91 -22.53 -8.47
C PRO B 349 25.18 -22.19 -7.18
N LYS B 350 25.69 -21.18 -6.48
CA LYS B 350 25.09 -20.72 -5.23
C LYS B 350 24.31 -19.45 -5.53
N VAL B 351 23.02 -19.44 -5.19
CA VAL B 351 22.18 -18.25 -5.28
C VAL B 351 21.63 -17.96 -3.90
N GLY B 352 21.89 -16.77 -3.38
CA GLY B 352 21.45 -16.46 -2.03
C GLY B 352 21.92 -15.10 -1.59
N LEU B 353 21.63 -14.79 -0.33
CA LEU B 353 21.93 -13.47 0.21
C LEU B 353 23.41 -13.37 0.55
N LYS B 354 23.92 -12.15 0.54
CA LYS B 354 25.32 -11.87 0.86
C LYS B 354 25.36 -10.66 1.79
N PHE B 355 25.49 -10.93 3.09
CA PHE B 355 25.59 -9.87 4.07
C PHE B 355 26.97 -9.22 3.97
N PRO B 356 27.13 -8.00 4.51
CA PRO B 356 28.37 -7.25 4.24
C PRO B 356 29.54 -7.67 5.11
N ASP B 357 29.69 -8.98 5.31
CA ASP B 357 30.87 -9.51 5.97
C ASP B 357 31.38 -10.77 5.27
N GLY B 358 30.90 -11.08 4.07
CA GLY B 358 31.22 -12.30 3.39
C GLY B 358 30.40 -13.50 3.83
N SER B 359 29.42 -13.29 4.71
CA SER B 359 28.58 -14.38 5.19
C SER B 359 27.45 -14.63 4.21
N TRP B 360 27.30 -15.89 3.79
CA TRP B 360 26.23 -16.30 2.89
C TRP B 360 25.10 -16.93 3.68
N SER B 361 23.88 -16.72 3.20
CA SER B 361 22.70 -17.34 3.77
C SER B 361 21.74 -17.71 2.66
N PRO B 362 20.90 -18.72 2.87
CA PRO B 362 19.91 -19.09 1.86
C PRO B 362 18.74 -18.11 1.84
N ILE B 363 17.90 -18.27 0.81
CA ILE B 363 16.77 -17.37 0.64
C ILE B 363 15.70 -17.63 1.68
N ARG B 364 15.66 -18.83 2.27
CA ARG B 364 14.64 -19.16 3.26
C ARG B 364 14.77 -18.34 4.54
N VAL B 365 15.88 -17.64 4.74
CA VAL B 365 16.06 -16.85 5.96
C VAL B 365 15.42 -15.48 5.88
N LEU B 366 14.87 -15.10 4.73
CA LEU B 366 14.28 -13.79 4.58
C LEU B 366 12.96 -13.70 5.37
N SER B 367 12.52 -12.47 5.58
CA SER B 367 11.25 -12.22 6.24
C SER B 367 10.12 -12.33 5.23
N SER B 368 8.89 -12.15 5.71
CA SER B 368 7.73 -12.26 4.84
C SER B 368 7.73 -11.18 3.76
N GLY B 369 8.01 -9.93 4.15
CA GLY B 369 7.96 -8.85 3.18
C GLY B 369 9.01 -8.97 2.09
N GLU B 370 10.24 -9.35 2.46
CA GLU B 370 11.28 -9.50 1.46
C GLU B 370 10.94 -10.64 0.49
N ARG B 371 10.40 -11.73 1.01
CA ARG B 371 10.01 -12.84 0.14
C ARG B 371 8.89 -12.43 -0.81
N GLN B 372 7.91 -11.66 -0.30
CA GLN B 372 6.83 -11.19 -1.17
C GLN B 372 7.36 -10.27 -2.24
N LEU B 373 8.31 -9.40 -1.89
CA LEU B 373 8.93 -8.54 -2.88
C LEU B 373 9.61 -9.37 -3.96
N LEU B 374 10.40 -10.37 -3.56
CA LEU B 374 11.04 -11.26 -4.51
C LEU B 374 9.99 -11.87 -5.44
N THR B 375 8.91 -12.39 -4.87
CA THR B 375 7.91 -13.10 -5.65
C THR B 375 7.26 -12.17 -6.68
N MET B 376 6.84 -10.98 -6.24
CA MET B 376 6.16 -10.07 -7.16
C MET B 376 7.10 -9.57 -8.24
N LEU B 377 8.33 -9.22 -7.88
CA LEU B 377 9.28 -8.76 -8.88
C LEU B 377 9.55 -9.84 -9.92
N TYR B 378 9.71 -11.09 -9.48
CA TYR B 378 9.88 -12.18 -10.44
C TYR B 378 8.66 -12.28 -11.34
N ALA B 379 7.46 -12.23 -10.76
CA ALA B 379 6.25 -12.30 -11.56
C ALA B 379 6.24 -11.21 -12.63
N ALA B 380 6.82 -10.06 -12.34
CA ALA B 380 6.94 -8.99 -13.32
C ALA B 380 8.21 -9.08 -14.16
N SER B 381 9.11 -10.00 -13.86
CA SER B 381 10.37 -10.11 -14.58
C SER B 381 10.19 -10.89 -15.87
N LYS B 382 11.17 -10.75 -16.77
CA LYS B 382 11.13 -11.45 -18.05
C LYS B 382 11.30 -12.95 -17.89
N MET B 383 11.69 -13.43 -16.70
CA MET B 383 11.77 -14.85 -16.44
C MET B 383 10.41 -15.48 -16.16
N GLY B 384 9.40 -14.67 -15.89
CA GLY B 384 8.06 -15.19 -15.70
C GLY B 384 7.43 -15.64 -17.00
N ASP B 385 6.34 -16.41 -16.87
CA ASP B 385 5.71 -17.06 -18.02
C ASP B 385 4.38 -16.41 -18.40
N ASP B 386 3.47 -16.23 -17.45
CA ASP B 386 2.10 -15.87 -17.77
C ASP B 386 1.92 -14.36 -17.73
N ALA B 387 1.23 -13.83 -18.73
CA ALA B 387 1.11 -12.38 -18.89
C ALA B 387 0.39 -11.76 -17.71
N ILE B 388 -0.88 -12.10 -17.51
CA ILE B 388 -1.72 -11.37 -16.57
C ILE B 388 -1.26 -11.67 -15.15
N VAL B 389 -1.07 -10.62 -14.36
CA VAL B 389 -0.63 -10.72 -12.98
C VAL B 389 -1.74 -10.12 -12.13
N LEU B 390 -2.40 -10.96 -11.33
CA LEU B 390 -3.49 -10.54 -10.45
C LEU B 390 -2.97 -10.64 -9.02
N ILE B 391 -2.64 -9.50 -8.43
CA ILE B 391 -2.11 -9.42 -7.08
C ILE B 391 -3.18 -8.84 -6.17
N ASP B 392 -3.52 -9.56 -5.10
CA ASP B 392 -4.57 -9.14 -4.18
C ASP B 392 -3.89 -8.57 -2.93
N GLU B 393 -3.99 -7.26 -2.74
CA GLU B 393 -3.32 -6.57 -1.65
C GLU B 393 -1.81 -6.77 -1.72
N PRO B 394 -1.13 -6.12 -2.66
CA PRO B 394 0.33 -6.20 -2.70
C PRO B 394 1.03 -5.39 -1.63
N GLU B 395 0.27 -4.91 -0.65
CA GLU B 395 0.81 -4.07 0.42
C GLU B 395 1.04 -4.85 1.71
N ILE B 396 0.98 -6.18 1.65
CA ILE B 396 1.08 -6.99 2.86
C ILE B 396 2.54 -7.08 3.28
N SER B 397 2.83 -6.65 4.50
CA SER B 397 4.16 -6.78 5.10
C SER B 397 5.21 -6.08 4.26
N LEU B 398 4.86 -4.94 3.68
CA LEU B 398 5.78 -4.15 2.88
C LEU B 398 5.84 -2.74 3.44
N HIS B 399 7.05 -2.23 3.65
CA HIS B 399 7.21 -0.88 4.14
C HIS B 399 6.71 0.13 3.11
N ILE B 400 6.32 1.30 3.59
CA ILE B 400 5.83 2.34 2.70
C ILE B 400 6.89 2.68 1.65
N ASP B 401 8.17 2.70 2.06
CA ASP B 401 9.23 2.96 1.11
C ASP B 401 9.19 1.99 -0.06
N TRP B 402 8.95 0.70 0.21
CA TRP B 402 8.88 -0.29 -0.84
C TRP B 402 7.56 -0.24 -1.61
N GLN B 403 6.46 0.06 -0.93
CA GLN B 403 5.18 0.21 -1.61
C GLN B 403 5.23 1.32 -2.64
N GLU B 404 5.97 2.37 -2.32
CA GLU B 404 6.09 3.57 -3.15
C GLU B 404 7.03 3.40 -4.34
N ASP B 405 7.82 2.33 -4.39
CA ASP B 405 8.64 2.01 -5.55
C ASP B 405 8.27 0.69 -6.22
N LEU B 406 7.28 -0.04 -5.70
CA LEU B 406 6.95 -1.34 -6.26
C LEU B 406 6.45 -1.24 -7.69
N LEU B 407 5.44 -0.41 -7.94
CA LEU B 407 4.85 -0.38 -9.27
C LEU B 407 5.78 0.25 -10.30
N LYS B 408 6.56 1.25 -9.89
CA LYS B 408 7.56 1.81 -10.81
C LYS B 408 8.56 0.76 -11.22
N ARG B 409 9.03 -0.06 -10.27
CA ARG B 409 10.04 -1.05 -10.56
C ARG B 409 9.46 -2.27 -11.27
N MET B 410 8.16 -2.48 -11.19
CA MET B 410 7.55 -3.59 -11.92
C MET B 410 7.22 -3.20 -13.35
N LEU B 411 6.79 -1.95 -13.57
CA LEU B 411 6.60 -1.45 -14.93
C LEU B 411 7.91 -1.11 -15.62
N SER B 412 9.00 -0.95 -14.86
CA SER B 412 10.29 -0.62 -15.45
C SER B 412 11.01 -1.83 -16.04
N GLN B 413 10.51 -3.04 -15.81
CA GLN B 413 11.15 -4.25 -16.29
C GLN B 413 10.68 -4.64 -17.70
N LEU B 414 10.04 -3.72 -18.41
CA LEU B 414 9.70 -3.87 -19.82
C LEU B 414 9.16 -5.22 -20.28
N SER B 415 8.41 -5.90 -19.41
CA SER B 415 7.72 -7.11 -19.82
C SER B 415 6.50 -6.81 -20.67
N GLY B 416 5.86 -5.67 -20.45
CA GLY B 416 4.71 -5.29 -21.24
C GLY B 416 3.46 -6.09 -20.96
N ARG B 417 3.42 -6.82 -19.86
CA ARG B 417 2.28 -7.67 -19.53
C ARG B 417 1.32 -6.94 -18.60
N GLN B 418 0.04 -7.29 -18.71
CA GLN B 418 -0.99 -6.63 -17.93
C GLN B 418 -0.85 -6.98 -16.45
N ILE B 419 -1.08 -5.99 -15.60
CA ILE B 419 -1.03 -6.15 -14.15
C ILE B 419 -2.31 -5.58 -13.55
N ILE B 420 -3.00 -6.40 -12.77
CA ILE B 420 -4.20 -5.98 -12.06
C ILE B 420 -3.92 -6.10 -10.57
N VAL B 421 -4.17 -5.02 -9.83
CA VAL B 421 -3.83 -4.94 -8.41
C VAL B 421 -5.05 -4.48 -7.64
N CYS B 422 -5.22 -5.02 -6.44
CA CYS B 422 -6.30 -4.64 -5.52
C CYS B 422 -5.65 -4.22 -4.22
N THR B 423 -5.60 -2.91 -3.96
CA THR B 423 -4.80 -2.36 -2.88
C THR B 423 -5.66 -1.50 -1.97
N HIS B 424 -5.39 -1.60 -0.67
CA HIS B 424 -5.97 -0.73 0.33
C HIS B 424 -5.04 0.39 0.76
N SER B 425 -3.83 0.44 0.22
CA SER B 425 -2.81 1.37 0.67
C SER B 425 -2.70 2.53 -0.31
N PRO B 426 -2.74 3.78 0.16
CA PRO B 426 -2.51 4.91 -0.75
C PRO B 426 -1.11 4.93 -1.34
N SER B 427 -0.14 4.28 -0.69
CA SER B 427 1.25 4.40 -1.11
C SER B 427 1.53 3.66 -2.41
N ILE B 428 0.68 2.71 -2.79
CA ILE B 428 0.93 1.97 -4.02
C ILE B 428 0.40 2.71 -5.24
N ALA B 429 -0.66 3.51 -5.07
CA ALA B 429 -1.27 4.23 -6.16
C ALA B 429 -0.64 5.59 -6.43
N THR B 430 0.37 5.99 -5.66
CA THR B 430 0.99 7.29 -5.86
C THR B 430 1.73 7.33 -7.20
N GLY B 431 1.48 8.38 -7.97
CA GLY B 431 2.05 8.51 -9.29
C GLY B 431 1.35 7.72 -10.37
N TYR B 432 0.28 7.00 -10.02
CA TYR B 432 -0.46 6.18 -10.96
C TYR B 432 -1.96 6.33 -10.73
N GLU B 433 -2.41 7.58 -10.54
CA GLU B 433 -3.83 7.84 -10.37
C GLU B 433 -4.58 7.90 -11.69
N ASP B 434 -3.87 8.01 -12.81
CA ASP B 434 -4.51 7.89 -14.11
C ASP B 434 -4.87 6.44 -14.45
N PHE B 435 -4.22 5.48 -13.80
CA PHE B 435 -4.45 4.06 -14.04
C PHE B 435 -5.24 3.42 -12.89
N MET B 436 -5.90 4.22 -12.08
CA MET B 436 -6.58 3.73 -10.88
C MET B 436 -8.07 3.58 -11.15
N ILE B 437 -8.61 2.41 -10.80
CA ILE B 437 -10.03 2.10 -10.98
C ILE B 437 -10.66 1.99 -9.60
N ASN B 438 -11.93 2.37 -9.52
CA ASN B 438 -12.72 2.21 -8.31
C ASN B 438 -13.98 1.44 -8.67
N ILE B 439 -14.24 0.35 -7.95
CA ILE B 439 -15.37 -0.52 -8.22
C ILE B 439 -16.39 -0.34 -7.10
N SER B 440 -17.65 -0.14 -7.49
CA SER B 440 -18.74 0.02 -6.54
C SER B 440 -19.89 -0.88 -6.97
N PRO B 441 -20.21 -1.93 -6.22
CA PRO B 441 -21.36 -2.77 -6.60
C PRO B 441 -22.69 -2.03 -6.49
N GLU B 442 -23.60 -2.39 -7.37
CA GLU B 442 -24.96 -1.84 -7.36
C GLU B 442 -25.89 -2.81 -6.64
N PHE B 443 -25.73 -2.84 -5.31
CA PHE B 443 -26.43 -3.80 -4.48
C PHE B 443 -27.92 -3.83 -4.82
N ILE B 444 -28.38 -4.98 -5.29
CA ILE B 444 -29.77 -5.17 -5.68
C ILE B 444 -30.53 -5.90 -4.57
N ILE C 3 0.19 -6.13 37.99
CA ILE C 3 0.15 -5.69 36.56
C ILE C 3 1.50 -5.11 36.15
N ARG C 4 2.35 -5.95 35.57
CA ARG C 4 3.64 -5.51 35.08
C ARG C 4 3.53 -5.02 33.64
N THR C 5 4.65 -4.52 33.12
CA THR C 5 4.74 -4.13 31.72
C THR C 5 6.22 -4.05 31.35
N ILE C 6 6.52 -4.37 30.10
CA ILE C 6 7.92 -4.43 29.67
C ILE C 6 8.46 -3.01 29.61
N SER C 7 9.64 -2.80 30.21
CA SER C 7 10.31 -1.52 30.19
C SER C 7 11.55 -1.50 29.29
N LYS C 8 12.10 -2.65 28.95
CA LYS C 8 13.28 -2.71 28.10
C LYS C 8 13.53 -4.15 27.68
N ILE C 9 13.83 -4.33 26.39
CA ILE C 9 14.25 -5.61 25.85
C ILE C 9 15.56 -5.40 25.11
N GLU C 10 16.62 -6.06 25.56
CA GLU C 10 17.96 -5.92 24.98
C GLU C 10 18.39 -7.27 24.43
N LEU C 11 18.12 -7.50 23.15
CA LEU C 11 18.52 -8.73 22.47
C LEU C 11 19.93 -8.53 21.90
N SER C 12 20.79 -9.52 22.09
CA SER C 12 22.16 -9.46 21.60
C SER C 12 22.46 -10.72 20.79
N LYS C 13 23.12 -10.51 19.65
CA LYS C 13 23.55 -11.61 18.78
C LYS C 13 22.38 -12.44 18.29
N ILE C 14 21.22 -11.83 18.09
CA ILE C 14 20.08 -12.57 17.54
C ILE C 14 20.46 -13.05 16.14
N HIS C 15 20.38 -14.35 15.93
CA HIS C 15 20.78 -14.99 14.68
C HIS C 15 22.27 -14.79 14.39
N ASN C 16 23.05 -14.42 15.40
CA ASN C 16 24.47 -14.16 15.25
C ASN C 16 24.75 -13.06 14.23
N ARG C 17 23.78 -12.16 14.01
CA ARG C 17 23.96 -11.14 13.00
C ARG C 17 23.52 -9.73 13.39
N TYR C 18 22.79 -9.52 14.49
CA TYR C 18 22.41 -8.16 14.81
C TYR C 18 21.96 -8.05 16.26
N ASN C 19 22.35 -6.95 16.89
CA ASN C 19 21.89 -6.55 18.21
C ASN C 19 20.68 -5.62 18.09
N LEU C 20 19.89 -5.54 19.16
CA LEU C 20 18.68 -4.72 19.13
C LEU C 20 18.24 -4.42 20.56
N THR C 21 18.34 -3.15 20.95
CA THR C 21 17.88 -2.68 22.25
C THR C 21 16.66 -1.79 22.04
N VAL C 22 15.59 -2.06 22.79
CA VAL C 22 14.34 -1.33 22.67
C VAL C 22 13.84 -0.97 24.06
N ASP C 23 13.42 0.29 24.22
CA ASP C 23 12.78 0.76 25.45
C ASP C 23 11.31 1.04 25.17
N PHE C 24 10.46 0.63 26.10
CA PHE C 24 9.01 0.61 25.90
C PHE C 24 8.33 1.65 26.78
N PHE C 25 7.13 2.04 26.36
CA PHE C 25 6.22 2.84 27.17
C PHE C 25 5.22 1.92 27.87
N ASN C 26 4.33 2.52 28.66
CA ASN C 26 3.42 1.77 29.51
C ASN C 26 1.99 1.72 28.99
N ASP C 27 1.65 2.50 27.97
CA ASP C 27 0.29 2.58 27.46
C ASP C 27 0.17 2.06 26.03
N LEU C 28 0.98 2.58 25.12
CA LEU C 28 0.90 2.20 23.71
C LEU C 28 2.30 2.29 23.12
N ASN C 29 2.66 1.29 22.31
CA ASN C 29 3.96 1.25 21.65
C ASN C 29 3.74 0.79 20.21
N VAL C 30 3.88 1.72 19.27
CA VAL C 30 3.78 1.40 17.85
C VAL C 30 5.19 1.23 17.34
N ILE C 31 5.59 -0.02 17.09
CA ILE C 31 6.94 -0.34 16.64
C ILE C 31 6.94 -0.40 15.12
N HIS C 32 7.74 0.46 14.50
CA HIS C 32 7.90 0.47 13.06
C HIS C 32 9.37 0.36 12.72
N GLY C 33 9.65 -0.04 11.48
CA GLY C 33 11.01 -0.16 11.03
C GLY C 33 11.11 -0.77 9.64
N LYS C 34 12.25 -0.56 8.99
CA LYS C 34 12.44 -1.11 7.65
C LYS C 34 12.24 -2.62 7.69
N ASN C 35 12.02 -3.19 6.51
CA ASN C 35 11.84 -4.63 6.41
C ASN C 35 13.11 -5.35 6.85
N GLY C 36 12.94 -6.49 7.51
CA GLY C 36 14.06 -7.23 8.05
C GLY C 36 14.75 -6.49 9.19
N ALA C 37 13.98 -5.94 10.11
CA ALA C 37 14.53 -5.19 11.23
C ALA C 37 14.37 -5.90 12.57
N GLY C 38 13.69 -7.03 12.61
CA GLY C 38 13.49 -7.76 13.85
C GLY C 38 12.18 -7.53 14.55
N LYS C 39 11.21 -6.87 13.90
CA LYS C 39 9.93 -6.61 14.53
C LYS C 39 9.27 -7.90 14.99
N SER C 40 9.13 -8.86 14.09
CA SER C 40 8.48 -10.12 14.44
C SER C 40 9.28 -10.87 15.50
N THR C 41 10.61 -10.87 15.37
CA THR C 41 11.43 -11.52 16.37
C THR C 41 11.28 -10.85 17.73
N LEU C 42 11.20 -9.52 17.75
CA LEU C 42 11.04 -8.80 19.01
C LEU C 42 9.70 -9.16 19.66
N ILE C 43 8.62 -9.17 18.89
CA ILE C 43 7.32 -9.51 19.45
C ILE C 43 7.32 -10.95 19.92
N HIS C 44 7.98 -11.85 19.18
CA HIS C 44 8.02 -13.25 19.58
C HIS C 44 8.79 -13.41 20.90
N VAL C 45 9.92 -12.72 21.03
CA VAL C 45 10.67 -12.77 22.28
C VAL C 45 9.82 -12.25 23.43
N ILE C 46 9.11 -11.13 23.21
CA ILE C 46 8.29 -10.57 24.27
C ILE C 46 7.22 -11.57 24.69
N ALA C 47 6.51 -12.15 23.72
CA ALA C 47 5.44 -13.09 24.05
C ALA C 47 5.98 -14.30 24.78
N ASN C 48 7.14 -14.82 24.34
CA ASN C 48 7.68 -16.02 24.98
C ASN C 48 8.15 -15.74 26.39
N ILE C 49 8.73 -14.56 26.63
CA ILE C 49 9.17 -14.22 27.98
C ILE C 49 7.97 -13.99 28.90
N VAL C 50 6.96 -13.28 28.41
CA VAL C 50 5.81 -12.95 29.24
C VAL C 50 5.03 -14.22 29.60
N ASN C 51 4.76 -15.06 28.61
CA ASN C 51 3.96 -16.26 28.82
C ASN C 51 4.63 -17.27 29.74
N GLY C 52 5.93 -17.11 30.01
CA GLY C 52 6.65 -18.07 30.82
C GLY C 52 7.19 -19.26 30.05
N ASP C 53 7.00 -19.30 28.74
CA ASP C 53 7.47 -20.41 27.91
C ASP C 53 8.95 -20.18 27.61
N PHE C 54 9.79 -20.65 28.52
CA PHE C 54 11.24 -20.51 28.37
C PHE C 54 11.88 -21.68 27.63
N ILE C 55 11.09 -22.67 27.21
CA ILE C 55 11.63 -23.80 26.46
C ILE C 55 11.74 -23.53 24.98
N ARG C 56 11.09 -22.47 24.48
CA ARG C 56 11.14 -22.15 23.06
C ARG C 56 12.42 -21.40 22.68
N PHE C 57 13.14 -20.87 23.65
CA PHE C 57 14.38 -20.15 23.34
C PHE C 57 15.48 -21.10 22.94
N ALA C 58 15.27 -22.41 23.10
CA ALA C 58 16.21 -23.39 22.59
C ALA C 58 16.13 -23.51 21.08
N PHE C 59 15.11 -22.91 20.45
CA PHE C 59 14.99 -22.94 19.00
C PHE C 59 15.44 -21.65 18.33
N LEU C 60 15.93 -20.68 19.11
CA LEU C 60 16.43 -19.42 18.58
C LEU C 60 17.91 -19.30 18.90
N ILE C 61 18.69 -18.83 17.93
CA ILE C 61 20.13 -18.67 18.09
C ILE C 61 20.41 -17.25 18.56
N PHE C 62 21.13 -17.12 19.67
CA PHE C 62 21.37 -15.82 20.28
C PHE C 62 22.49 -15.96 21.31
N GLU C 63 22.85 -14.83 21.92
CA GLU C 63 23.84 -14.79 23.00
C GLU C 63 23.33 -14.13 24.27
N GLU C 64 22.30 -13.29 24.19
CA GLU C 64 21.69 -12.70 25.36
C GLU C 64 20.28 -12.24 25.01
N ILE C 65 19.39 -12.37 25.99
CA ILE C 65 18.09 -11.72 25.94
C ILE C 65 17.77 -11.19 27.34
N LYS C 66 18.01 -9.91 27.55
CA LYS C 66 17.72 -9.25 28.82
C LYS C 66 16.38 -8.54 28.72
N ALA C 67 15.48 -8.83 29.67
CA ALA C 67 14.14 -8.27 29.68
C ALA C 67 13.90 -7.64 31.04
N THR C 68 13.57 -6.35 31.05
CA THR C 68 13.27 -5.62 32.28
C THR C 68 11.77 -5.36 32.36
N TYR C 69 11.17 -5.71 33.48
CA TYR C 69 9.75 -5.48 33.72
C TYR C 69 9.54 -4.19 34.50
N SER C 70 8.29 -3.72 34.49
CA SER C 70 7.97 -2.47 35.19
C SER C 70 8.22 -2.60 36.68
N ASP C 71 7.87 -3.74 37.27
CA ASP C 71 8.03 -3.91 38.71
C ASP C 71 9.50 -3.81 39.11
N GLY C 72 10.38 -4.44 38.34
CA GLY C 72 11.79 -4.42 38.63
C GLY C 72 12.49 -5.74 38.36
N LEU C 73 11.71 -6.75 37.97
CA LEU C 73 12.28 -8.05 37.66
C LEU C 73 13.04 -8.01 36.34
N LYS C 74 14.25 -8.55 36.35
CA LYS C 74 15.11 -8.59 35.18
C LYS C 74 15.39 -10.06 34.87
N ILE C 75 15.02 -10.49 33.66
CA ILE C 75 15.20 -11.85 33.20
C ILE C 75 16.32 -11.84 32.18
N VAL C 76 17.39 -12.57 32.46
CA VAL C 76 18.55 -12.67 31.57
C VAL C 76 18.60 -14.09 31.05
N ILE C 77 18.53 -14.25 29.74
CA ILE C 77 18.59 -15.58 29.12
C ILE C 77 19.86 -15.64 28.30
N ARG C 78 20.71 -16.61 28.62
CA ARG C 78 21.92 -16.90 27.87
C ARG C 78 21.77 -18.24 27.16
N ARG C 79 22.58 -18.41 26.12
CA ARG C 79 22.69 -19.66 25.37
C ARG C 79 24.17 -19.89 25.13
N ASP C 80 24.81 -20.58 26.07
CA ASP C 80 26.26 -20.82 26.01
C ASP C 80 26.53 -22.25 25.55
N LYS C 81 27.59 -22.41 24.77
CA LYS C 81 28.01 -23.72 24.26
C LYS C 81 29.17 -24.21 25.11
N ILE C 82 28.95 -25.29 25.85
CA ILE C 82 29.95 -25.89 26.72
C ILE C 82 30.24 -27.28 26.19
N ASP C 83 31.50 -27.52 25.80
CA ASP C 83 31.91 -28.83 25.29
C ASP C 83 31.03 -29.27 24.13
N GLU C 84 30.74 -28.34 23.23
CA GLU C 84 29.96 -28.59 22.02
C GLU C 84 28.49 -28.87 22.31
N GLN C 85 28.04 -28.67 23.55
CA GLN C 85 26.64 -28.84 23.92
C GLN C 85 26.04 -27.48 24.26
N SER C 86 24.94 -27.14 23.61
CA SER C 86 24.28 -25.87 23.90
C SER C 86 23.56 -25.95 25.24
N PHE C 87 23.43 -24.80 25.89
CA PHE C 87 22.82 -24.73 27.21
C PHE C 87 22.11 -23.39 27.34
N ILE C 88 20.79 -23.45 27.50
CA ILE C 88 19.96 -22.27 27.72
C ILE C 88 19.81 -22.08 29.22
N SER C 89 20.33 -20.97 29.73
CA SER C 89 20.25 -20.64 31.15
C SER C 89 19.44 -19.37 31.33
N VAL C 90 18.43 -19.44 32.19
CA VAL C 90 17.57 -18.30 32.53
C VAL C 90 17.88 -17.91 33.96
N THR C 91 18.18 -16.63 34.18
CA THR C 91 18.51 -16.10 35.48
C THR C 91 17.61 -14.91 35.78
N LEU C 92 17.19 -14.79 37.04
CA LEU C 92 16.35 -13.70 37.48
C LEU C 92 17.17 -12.74 38.32
N SER C 93 16.51 -11.70 38.82
CA SER C 93 17.19 -10.66 39.58
C SER C 93 17.39 -11.02 41.05
N ASN C 94 16.76 -12.08 41.53
CA ASN C 94 16.88 -12.49 42.92
C ASN C 94 17.83 -13.67 43.10
N GLY C 95 18.55 -14.07 42.05
CA GLY C 95 19.57 -15.08 42.15
C GLY C 95 19.16 -16.48 41.76
N LYS C 96 17.90 -16.70 41.39
CA LYS C 96 17.42 -18.02 41.03
C LYS C 96 17.59 -18.24 39.53
N TYR C 97 18.17 -19.36 39.15
CA TYR C 97 18.41 -19.68 37.74
C TYR C 97 17.98 -21.11 37.44
N ILE C 98 17.65 -21.33 36.17
CA ILE C 98 17.37 -22.66 35.64
C ILE C 98 18.22 -22.84 34.40
N LYS C 99 18.80 -24.03 34.24
CA LYS C 99 19.69 -24.32 33.11
C LYS C 99 19.29 -25.63 32.50
N PHE C 100 19.10 -25.65 31.17
CA PHE C 100 18.71 -26.87 30.49
C PHE C 100 19.35 -26.94 29.11
N ALA C 101 19.53 -28.16 28.63
CA ALA C 101 20.23 -28.41 27.38
C ALA C 101 19.26 -28.35 26.21
N VAL C 102 19.74 -27.81 25.09
CA VAL C 102 18.89 -27.67 23.90
C VAL C 102 18.45 -29.02 23.39
N GLY C 103 19.27 -30.06 23.58
CA GLY C 103 18.88 -31.38 23.15
C GLY C 103 17.62 -31.86 23.84
N GLU C 104 17.55 -31.69 25.16
CA GLU C 104 16.37 -32.10 25.90
C GLU C 104 15.15 -31.27 25.49
N ALA C 105 15.36 -29.98 25.23
CA ALA C 105 14.25 -29.13 24.82
C ALA C 105 13.68 -29.60 23.48
N MET C 106 14.56 -29.89 22.52
CA MET C 106 14.10 -30.36 21.23
C MET C 106 13.45 -31.73 21.34
N ALA C 107 13.98 -32.60 22.20
CA ALA C 107 13.36 -33.90 22.41
C ALA C 107 11.95 -33.74 22.97
N THR C 108 11.77 -32.86 23.96
CA THR C 108 10.44 -32.63 24.52
C THR C 108 9.50 -32.06 23.46
N VAL C 109 9.99 -31.12 22.65
CA VAL C 109 9.13 -30.53 21.62
C VAL C 109 8.70 -31.59 20.62
N ARG C 110 9.64 -32.46 20.21
CA ARG C 110 9.29 -33.52 19.27
C ARG C 110 8.31 -34.50 19.86
N GLU C 111 8.48 -34.86 21.14
CA GLU C 111 7.60 -35.85 21.75
C GLU C 111 6.17 -35.36 21.77
N ILE C 112 5.95 -34.11 22.14
CA ILE C 112 4.60 -33.56 22.21
C ILE C 112 4.14 -33.10 20.83
N LYS C 124 4.47 -34.19 29.58
CA LYS C 124 5.23 -33.29 30.43
C LYS C 124 6.55 -33.93 30.85
N SER C 125 7.59 -33.74 30.04
CA SER C 125 8.90 -34.29 30.35
C SER C 125 9.46 -33.65 31.62
N MET C 126 10.62 -34.15 32.06
CA MET C 126 11.25 -33.61 33.25
C MET C 126 11.62 -32.14 33.06
N LEU C 127 12.13 -31.79 31.88
CA LEU C 127 12.48 -30.41 31.61
C LEU C 127 11.27 -29.51 31.69
N ALA C 128 10.14 -29.94 31.12
CA ALA C 128 8.94 -29.12 31.15
C ALA C 128 8.47 -28.91 32.59
N MET C 129 8.53 -29.96 33.41
CA MET C 129 8.09 -29.84 34.79
C MET C 129 9.02 -28.91 35.58
N ASP C 130 10.33 -29.01 35.36
CA ASP C 130 11.25 -28.13 36.04
C ASP C 130 11.02 -26.68 35.65
N ILE C 131 10.82 -26.42 34.35
CA ILE C 131 10.55 -25.06 33.90
C ILE C 131 9.25 -24.55 34.51
N ASP C 132 8.22 -25.39 34.52
CA ASP C 132 6.92 -24.96 35.06
C ASP C 132 7.04 -24.63 36.54
N LYS C 133 7.74 -25.47 37.31
CA LYS C 133 7.91 -25.21 38.73
C LYS C 133 8.71 -23.93 38.97
N PHE C 134 9.77 -23.72 38.18
CA PHE C 134 10.54 -22.48 38.27
C PHE C 134 9.64 -21.27 38.02
N VAL C 135 8.87 -21.29 36.93
CA VAL C 135 8.01 -20.17 36.59
C VAL C 135 6.97 -19.93 37.68
N LYS C 136 6.35 -21.00 38.17
CA LYS C 136 5.32 -20.84 39.19
C LYS C 136 5.90 -20.28 40.48
N GLU C 137 7.06 -20.81 40.91
CA GLU C 137 7.64 -20.36 42.16
C GLU C 137 8.05 -18.89 42.09
N ASN C 138 8.66 -18.47 40.98
CA ASN C 138 9.15 -17.11 40.87
C ASN C 138 8.08 -16.12 40.41
N GLU C 139 6.86 -16.59 40.14
CA GLU C 139 5.76 -15.71 39.74
C GLU C 139 6.09 -14.97 38.45
N LEU C 140 6.43 -15.73 37.42
CA LEU C 140 6.76 -15.19 36.11
C LEU C 140 5.59 -15.28 35.14
N GLN C 141 4.40 -15.62 35.63
CA GLN C 141 3.22 -15.75 34.78
C GLN C 141 2.05 -14.95 35.33
N LYS C 142 2.35 -13.80 35.97
CA LYS C 142 1.28 -12.96 36.49
C LYS C 142 0.41 -12.43 35.35
N VAL C 143 1.03 -12.00 34.26
CA VAL C 143 0.33 -11.40 33.13
C VAL C 143 0.56 -12.28 31.90
N ARG C 144 -0.51 -12.56 31.17
CA ARG C 144 -0.42 -13.35 29.95
C ARG C 144 -0.05 -12.43 28.79
N ALA C 145 -0.03 -12.97 27.57
CA ALA C 145 0.34 -12.21 26.38
C ALA C 145 -0.59 -12.61 25.26
N SER C 146 -1.49 -11.71 24.88
CA SER C 146 -2.42 -11.95 23.77
C SER C 146 -1.70 -11.64 22.48
N TYR C 147 -1.25 -12.69 21.79
CA TYR C 147 -0.46 -12.55 20.58
C TYR C 147 -1.39 -12.67 19.37
N PHE C 148 -1.39 -11.64 18.53
CA PHE C 148 -2.17 -11.63 17.30
C PHE C 148 -1.21 -11.83 16.13
N PRO C 149 -1.13 -13.03 15.55
CA PRO C 149 -0.12 -13.26 14.51
C PRO C 149 -0.46 -12.51 13.23
N ALA C 150 0.56 -12.34 12.39
CA ALA C 150 0.35 -11.70 11.10
C ALA C 150 -0.54 -12.53 10.19
N PHE C 151 -0.53 -13.85 10.36
CA PHE C 151 -1.31 -14.76 9.52
C PHE C 151 -2.65 -15.08 10.16
N ARG C 152 -3.39 -14.03 10.54
CA ARG C 152 -4.65 -14.23 11.26
C ARG C 152 -5.70 -14.86 10.37
N THR C 153 -5.88 -14.32 9.17
CA THR C 153 -7.00 -14.73 8.32
C THR C 153 -6.89 -16.19 7.92
N MET C 154 -5.70 -16.62 7.49
CA MET C 154 -5.51 -18.00 7.09
C MET C 154 -5.76 -18.95 8.27
N LEU C 155 -5.25 -18.59 9.46
CA LEU C 155 -5.46 -19.45 10.62
C LEU C 155 -6.94 -19.53 10.98
N GLU C 156 -7.64 -18.40 10.95
CA GLU C 156 -9.06 -18.40 11.29
C GLU C 156 -9.87 -19.19 10.27
N ALA C 157 -9.46 -19.17 9.01
CA ALA C 157 -10.11 -20.02 8.02
C ALA C 157 -9.81 -21.49 8.27
N TRP C 158 -8.57 -21.81 8.65
CA TRP C 158 -8.21 -23.19 8.94
C TRP C 158 -9.04 -23.75 10.08
N SER C 159 -8.88 -23.19 11.28
CA SER C 159 -9.77 -23.52 12.37
C SER C 159 -11.20 -23.16 11.99
N SER C 160 -12.13 -24.06 12.29
CA SER C 160 -13.53 -23.88 11.92
C SER C 160 -13.70 -23.95 10.40
N SER C 161 -13.10 -24.98 9.80
CA SER C 161 -13.30 -25.30 8.39
C SER C 161 -12.57 -26.58 8.03
N ARG C 172 -10.21 -23.44 18.64
CA ARG C 172 -9.20 -22.58 19.22
C ARG C 172 -9.84 -21.59 20.18
N SER C 173 -9.09 -21.25 21.24
CA SER C 173 -9.56 -20.30 22.24
C SER C 173 -8.35 -19.70 22.92
N SER C 174 -8.60 -18.67 23.74
CA SER C 174 -7.51 -18.03 24.47
C SER C 174 -6.92 -18.95 25.53
N PHE C 175 -7.56 -20.09 25.83
CA PHE C 175 -7.05 -21.04 26.80
C PHE C 175 -6.59 -22.33 26.15
N TYR C 176 -7.45 -23.00 25.38
CA TYR C 176 -7.09 -24.26 24.76
C TYR C 176 -5.94 -24.07 23.77
N ASN C 177 -6.21 -23.40 22.65
CA ASN C 177 -5.21 -22.89 21.72
C ASN C 177 -4.01 -23.83 21.62
N ARG C 178 -4.27 -25.07 21.21
CA ARG C 178 -3.21 -26.07 21.12
C ARG C 178 -3.02 -26.64 19.74
N LYS C 179 -4.09 -26.95 19.02
CA LYS C 179 -3.93 -27.43 17.64
C LYS C 179 -3.46 -26.32 16.72
N ALA C 180 -4.04 -25.12 16.86
CA ALA C 180 -3.62 -23.99 16.05
C ALA C 180 -2.16 -23.65 16.30
N SER C 181 -1.73 -23.68 17.55
CA SER C 181 -0.35 -23.37 17.87
C SER C 181 0.60 -24.40 17.24
N ALA C 182 0.22 -25.68 17.28
CA ALA C 182 1.05 -26.71 16.67
C ALA C 182 1.14 -26.52 15.16
N PHE C 183 0.02 -26.22 14.51
CA PHE C 183 0.04 -25.99 13.08
C PHE C 183 0.93 -24.81 12.72
N ALA C 184 0.77 -23.70 13.45
CA ALA C 184 1.57 -22.51 13.17
C ALA C 184 3.04 -22.75 13.45
N ARG C 185 3.35 -23.60 14.43
CA ARG C 185 4.74 -23.90 14.71
C ARG C 185 5.35 -24.76 13.61
N GLU C 186 4.58 -25.73 13.11
CA GLU C 186 5.06 -26.52 11.99
C GLU C 186 5.31 -25.64 10.77
N LEU C 187 4.41 -24.67 10.53
CA LEU C 187 4.56 -23.82 9.36
C LEU C 187 5.66 -22.78 9.54
N PHE C 188 5.77 -22.19 10.73
CA PHE C 188 6.60 -21.01 10.96
C PHE C 188 7.64 -21.23 12.05
N GLY C 189 8.25 -22.40 12.09
CA GLY C 189 9.30 -22.65 13.07
C GLY C 189 8.76 -22.86 14.47
N GLN C 190 9.64 -23.25 15.39
CA GLN C 190 9.23 -23.65 16.74
C GLN C 190 9.43 -22.56 17.78
N PHE C 191 9.85 -21.36 17.38
CA PHE C 191 9.92 -20.23 18.29
C PHE C 191 8.66 -19.38 18.28
N LEU C 192 7.69 -19.73 17.46
CA LEU C 192 6.49 -18.91 17.35
C LEU C 192 5.71 -18.95 18.66
N PRO C 193 5.37 -17.81 19.25
CA PRO C 193 4.60 -17.84 20.50
C PRO C 193 3.25 -18.51 20.32
N SER C 194 2.76 -19.11 21.39
CA SER C 194 1.45 -19.74 21.35
C SER C 194 0.39 -18.72 20.97
N ILE C 195 -0.54 -19.14 20.12
CA ILE C 195 -1.60 -18.26 19.62
C ILE C 195 -2.71 -18.22 20.66
N ASN C 196 -2.83 -17.11 21.38
CA ASN C 196 -3.83 -16.96 22.42
C ASN C 196 -4.86 -15.88 22.12
N TYR C 197 -4.84 -15.27 20.95
CA TYR C 197 -5.75 -14.18 20.69
C TYR C 197 -7.20 -14.71 20.64
N PRO C 198 -8.16 -13.94 21.14
CA PRO C 198 -9.51 -14.49 21.31
C PRO C 198 -10.28 -14.52 19.99
N SER C 199 -10.86 -15.66 19.68
CA SER C 199 -11.62 -15.85 18.45
C SER C 199 -13.06 -15.38 18.63
N PRO C 200 -13.79 -15.17 17.54
CA PRO C 200 -15.19 -14.73 17.67
C PRO C 200 -16.04 -15.64 18.53
N MET C 201 -15.81 -16.96 18.49
CA MET C 201 -16.62 -17.87 19.29
C MET C 201 -16.43 -17.61 20.78
N GLU C 202 -15.17 -17.45 21.21
CA GLU C 202 -14.93 -17.16 22.61
C GLU C 202 -15.50 -15.81 23.00
N ILE C 203 -15.49 -14.84 22.09
CA ILE C 203 -16.08 -13.53 22.37
C ILE C 203 -17.58 -13.68 22.59
N GLU C 204 -18.25 -14.45 21.75
CA GLU C 204 -19.69 -14.66 21.91
C GLU C 204 -19.99 -15.35 23.23
N ASP C 205 -19.22 -16.38 23.57
CA ASP C 205 -19.45 -17.07 24.85
C ASP C 205 -19.21 -16.13 26.02
N ARG C 206 -18.14 -15.33 25.96
CA ARG C 206 -17.84 -14.41 27.05
C ARG C 206 -18.94 -13.37 27.20
N LEU C 207 -19.45 -12.86 26.08
CA LEU C 207 -20.54 -11.88 26.15
C LEU C 207 -21.79 -12.50 26.74
N ARG C 208 -22.09 -13.74 26.37
CA ARG C 208 -23.24 -14.43 26.97
C ARG C 208 -23.06 -14.55 28.48
N GLU C 209 -21.87 -14.95 28.93
CA GLU C 209 -21.64 -15.11 30.36
C GLU C 209 -21.73 -13.78 31.08
N GLU C 210 -21.19 -12.72 30.50
CA GLU C 210 -21.25 -11.41 31.12
C GLU C 210 -22.70 -10.93 31.21
N ILE C 211 -23.49 -11.20 30.17
CA ILE C 211 -24.90 -10.82 30.21
C ILE C 211 -25.62 -11.56 31.31
N ARG C 212 -25.33 -12.85 31.46
CA ARG C 212 -25.96 -13.61 32.55
C ARG C 212 -25.58 -13.03 33.90
N ARG C 213 -24.30 -12.73 34.10
CA ARG C 213 -23.88 -12.16 35.37
C ARG C 213 -24.55 -10.82 35.63
N ALA C 214 -24.67 -10.00 34.60
CA ALA C 214 -25.32 -8.71 34.76
C ALA C 214 -26.80 -8.88 35.11
N GLN C 215 -27.47 -9.84 34.47
CA GLN C 215 -28.86 -10.10 34.79
C GLN C 215 -29.01 -10.51 36.25
N LEU C 216 -28.15 -11.43 36.71
CA LEU C 216 -28.26 -11.89 38.08
C LEU C 216 -27.97 -10.76 39.06
N GLY C 217 -26.98 -9.92 38.75
CA GLY C 217 -26.71 -8.77 39.59
C GLY C 217 -27.88 -7.80 39.66
N ILE C 218 -28.54 -7.57 38.51
CA ILE C 218 -29.68 -6.67 38.50
C ILE C 218 -30.82 -7.26 39.33
N ALA C 219 -31.02 -8.58 39.24
CA ALA C 219 -32.05 -9.21 40.06
C ALA C 219 -31.74 -9.07 41.55
N ALA C 220 -30.47 -9.28 41.92
CA ALA C 220 -30.09 -9.11 43.31
C ALA C 220 -30.32 -7.68 43.78
N TYR C 221 -29.99 -6.70 42.94
CA TYR C 221 -30.22 -5.32 43.31
C TYR C 221 -31.71 -5.04 43.47
N GLU C 222 -32.53 -5.60 42.58
CA GLU C 222 -33.97 -5.41 42.70
C GLU C 222 -34.47 -5.97 44.02
N SER C 223 -34.02 -7.16 44.40
CA SER C 223 -34.42 -7.74 45.67
C SER C 223 -34.01 -6.83 46.83
N ARG C 224 -32.74 -6.43 46.87
CA ARG C 224 -32.24 -5.65 47.99
C ARG C 224 -32.97 -4.31 48.09
N THR C 225 -33.14 -3.62 46.96
CA THR C 225 -33.79 -2.33 46.97
C THR C 225 -35.26 -2.45 47.32
N PHE C 226 -35.91 -3.54 46.92
CA PHE C 226 -37.29 -3.78 47.35
C PHE C 226 -37.32 -3.87 48.88
N SER C 227 -36.44 -4.68 49.45
CA SER C 227 -36.41 -4.82 50.91
C SER C 227 -36.21 -3.47 51.57
N GLU C 228 -35.21 -2.72 51.12
CA GLU C 228 -34.90 -1.44 51.75
C GLU C 228 -36.03 -0.43 51.59
N SER C 229 -36.65 -0.37 50.41
CA SER C 229 -37.74 0.58 50.19
C SER C 229 -38.97 0.20 50.99
N PHE C 230 -39.23 -1.11 51.14
CA PHE C 230 -40.31 -1.53 52.01
C PHE C 230 -40.03 -1.13 53.45
N VAL C 231 -38.77 -1.26 53.88
CA VAL C 231 -38.42 -0.82 55.23
C VAL C 231 -38.67 0.67 55.37
N LYS C 232 -38.28 1.45 54.36
CA LYS C 232 -38.49 2.90 54.42
C LYS C 232 -39.97 3.25 54.48
N VAL C 233 -40.78 2.57 53.67
CA VAL C 233 -42.22 2.85 53.64
C VAL C 233 -42.85 2.48 54.98
N PHE C 234 -42.47 1.33 55.54
CA PHE C 234 -43.01 0.93 56.83
C PHE C 234 -42.60 1.90 57.93
N SER C 235 -41.34 2.34 57.91
CA SER C 235 -40.89 3.34 58.89
C SER C 235 -41.68 4.62 58.75
N ALA C 236 -41.90 5.08 57.52
CA ALA C 236 -42.72 6.27 57.30
C ALA C 236 -44.14 6.06 57.83
N LEU C 237 -44.64 4.83 57.74
CA LEU C 237 -45.99 4.54 58.23
C LEU C 237 -46.15 4.96 59.68
N PHE C 238 -45.09 4.83 60.48
CA PHE C 238 -45.14 5.20 61.89
C PHE C 238 -44.80 6.68 62.06
N GLY C 249 -45.65 17.80 43.49
CA GLY C 249 -46.24 18.16 42.21
C GLY C 249 -45.41 17.67 41.04
N GLU C 250 -44.18 18.16 40.94
CA GLU C 250 -43.26 17.73 39.89
C GLU C 250 -42.79 16.30 40.09
N LEU C 251 -43.06 15.70 41.25
CA LEU C 251 -42.65 14.32 41.49
C LEU C 251 -43.29 13.38 40.48
N LEU C 252 -44.57 13.60 40.16
CA LEU C 252 -45.24 12.76 39.18
C LEU C 252 -44.60 12.91 37.81
N LYS C 253 -44.27 14.14 37.41
CA LYS C 253 -43.63 14.36 36.12
C LYS C 253 -42.28 13.68 36.05
N GLU C 254 -41.49 13.78 37.12
CA GLU C 254 -40.20 13.10 37.16
C GLU C 254 -40.38 11.59 37.08
N ILE C 255 -41.38 11.06 37.81
CA ILE C 255 -41.64 9.63 37.79
C ILE C 255 -41.97 9.18 36.38
N GLU C 256 -42.81 9.93 35.68
CA GLU C 256 -43.14 9.57 34.30
C GLU C 256 -41.92 9.65 33.40
N GLY C 257 -41.12 10.71 33.56
CA GLY C 257 -39.96 10.88 32.71
C GLY C 257 -38.97 9.73 32.86
N LEU C 258 -38.75 9.28 34.09
CA LEU C 258 -37.85 8.15 34.30
C LEU C 258 -38.51 6.83 33.93
N ALA C 259 -39.83 6.71 34.10
CA ALA C 259 -40.50 5.46 33.75
C ALA C 259 -40.43 5.21 32.26
N ILE C 260 -40.62 6.25 31.45
CA ILE C 260 -40.51 6.08 30.00
C ILE C 260 -39.11 5.60 29.64
N ALA C 261 -38.09 6.11 30.33
CA ALA C 261 -36.71 5.75 30.01
C ALA C 261 -36.47 4.26 30.23
N GLN C 262 -36.82 3.75 31.42
CA GLN C 262 -36.57 2.36 31.78
C GLN C 262 -37.70 1.44 31.34
N ASP C 263 -38.47 1.82 30.32
CA ASP C 263 -39.56 1.00 29.81
C ASP C 263 -39.35 0.58 28.37
N SER C 264 -39.00 1.51 27.49
CA SER C 264 -38.83 1.23 26.06
C SER C 264 -37.36 1.10 25.69
N SER C 265 -36.55 0.56 26.59
CA SER C 265 -35.11 0.42 26.38
C SER C 265 -34.70 -1.04 26.45
N ILE C 266 -33.75 -1.42 25.59
CA ILE C 266 -33.21 -2.77 25.66
C ILE C 266 -32.49 -2.93 26.99
N LYS C 267 -32.28 -4.19 27.38
CA LYS C 267 -31.82 -4.65 28.69
C LYS C 267 -32.91 -4.83 29.74
N ASN C 268 -34.16 -4.52 29.42
CA ASN C 268 -35.28 -4.72 30.34
C ASN C 268 -36.48 -5.32 29.62
N GLY C 269 -36.26 -6.02 28.51
CA GLY C 269 -37.34 -6.64 27.78
C GLY C 269 -38.07 -7.72 28.56
N TYR C 270 -37.43 -8.29 29.57
CA TYR C 270 -38.10 -9.27 30.41
C TYR C 270 -39.27 -8.65 31.16
N TYR C 271 -39.32 -7.32 31.25
CA TYR C 271 -40.45 -6.61 31.86
C TYR C 271 -40.49 -5.14 31.47
N ALA C 272 -41.52 -4.74 30.75
CA ALA C 272 -41.62 -3.39 30.17
C ALA C 272 -42.99 -2.79 30.44
N GLU C 273 -43.45 -2.87 31.69
CA GLU C 273 -44.78 -2.39 32.06
C GLU C 273 -44.72 -1.22 33.03
N TYR C 274 -43.60 -0.49 33.08
CA TYR C 274 -43.50 0.63 34.00
C TYR C 274 -44.49 1.72 33.67
N SER C 275 -44.83 1.89 32.39
CA SER C 275 -45.82 2.89 32.01
C SER C 275 -47.13 2.64 32.72
N LYS C 276 -47.56 1.38 32.77
CA LYS C 276 -48.78 1.04 33.49
C LYS C 276 -48.65 1.40 34.97
N VAL C 277 -47.49 1.13 35.56
CA VAL C 277 -47.30 1.42 36.97
C VAL C 277 -47.46 2.91 37.23
N TYR C 278 -46.84 3.73 36.39
CA TYR C 278 -46.95 5.18 36.55
C TYR C 278 -48.39 5.64 36.36
N GLU C 279 -49.07 5.10 35.35
CA GLU C 279 -50.46 5.47 35.11
C GLU C 279 -51.32 5.14 36.32
N GLU C 280 -51.14 3.95 36.88
CA GLU C 280 -51.94 3.54 38.03
C GLU C 280 -51.62 4.41 39.25
N ILE C 281 -50.35 4.73 39.47
CA ILE C 281 -49.98 5.57 40.59
C ILE C 281 -50.63 6.95 40.44
N ARG C 282 -50.55 7.52 39.24
CA ARG C 282 -51.18 8.81 39.01
C ARG C 282 -52.69 8.74 39.22
N SER C 283 -53.32 7.68 38.73
CA SER C 283 -54.76 7.54 38.90
C SER C 283 -55.14 7.49 40.36
N LEU C 284 -54.41 6.69 41.15
CA LEU C 284 -54.70 6.60 42.57
C LEU C 284 -54.47 7.94 43.27
N ILE C 285 -53.40 8.64 42.90
CA ILE C 285 -53.13 9.94 43.52
C ILE C 285 -54.26 10.91 43.20
N ASN C 286 -54.72 10.93 41.95
CA ASN C 286 -55.79 11.85 41.57
C ASN C 286 -57.05 11.60 42.39
N ARG C 287 -57.42 10.34 42.57
CA ARG C 287 -58.60 10.00 43.35
C ARG C 287 -58.49 10.54 44.77
N VAL C 297 -47.40 9.82 53.04
CA VAL C 297 -48.40 9.96 51.97
C VAL C 297 -47.86 10.87 50.88
N SER C 298 -47.77 12.17 51.19
CA SER C 298 -47.27 13.13 50.23
C SER C 298 -45.89 12.70 49.71
N GLY C 299 -44.97 12.39 50.61
CA GLY C 299 -43.65 11.95 50.23
C GLY C 299 -43.54 10.50 49.84
N ALA C 300 -44.64 9.75 49.89
CA ALA C 300 -44.57 8.32 49.55
C ALA C 300 -44.11 8.13 48.12
N LEU C 301 -44.67 8.91 47.19
CA LEU C 301 -44.26 8.77 45.80
C LEU C 301 -42.79 9.10 45.63
N VAL C 302 -42.21 9.81 46.60
CA VAL C 302 -40.81 10.19 46.49
C VAL C 302 -39.95 8.93 46.38
N VAL C 303 -40.26 7.91 47.20
CA VAL C 303 -39.44 6.71 47.16
C VAL C 303 -39.49 6.08 45.77
N TYR C 304 -40.60 6.26 45.07
CA TYR C 304 -40.70 5.71 43.73
C TYR C 304 -39.59 6.25 42.85
N ARG C 305 -39.37 7.56 42.90
CA ARG C 305 -38.31 8.13 42.08
C ARG C 305 -36.97 7.55 42.49
N ASP C 306 -36.77 7.35 43.78
CA ASP C 306 -35.52 6.75 44.23
C ASP C 306 -35.39 5.32 43.71
N ALA C 307 -36.46 4.54 43.83
CA ALA C 307 -36.39 3.15 43.40
C ALA C 307 -36.07 3.06 41.92
N LEU C 308 -36.71 3.90 41.11
CA LEU C 308 -36.44 3.84 39.68
C LEU C 308 -35.05 4.40 39.38
N ARG C 309 -34.69 5.51 40.05
CA ARG C 309 -33.40 6.12 39.77
C ARG C 309 -32.26 5.16 40.05
N ASP C 310 -32.24 4.59 41.25
CA ASP C 310 -31.13 3.71 41.58
C ASP C 310 -31.11 2.54 40.62
N ARG C 311 -32.27 1.98 40.30
CA ARG C 311 -32.28 0.85 39.39
C ARG C 311 -31.69 1.24 38.05
N GLN C 312 -32.13 2.37 37.50
CA GLN C 312 -31.60 2.77 36.21
C GLN C 312 -30.10 2.92 36.27
N ASP C 313 -29.58 3.53 37.35
CA ASP C 313 -28.14 3.67 37.48
C ASP C 313 -27.47 2.31 37.51
N TYR C 314 -28.06 1.36 38.22
CA TYR C 314 -27.44 0.05 38.30
C TYR C 314 -27.42 -0.60 36.92
N GLN C 315 -28.51 -0.46 36.16
CA GLN C 315 -28.52 -1.06 34.84
C GLN C 315 -27.43 -0.48 33.95
N GLU C 316 -26.97 0.73 34.22
CA GLU C 316 -25.89 1.33 33.44
C GLU C 316 -24.51 1.03 34.01
N LYS C 317 -24.41 0.37 35.16
CA LYS C 317 -23.14 -0.09 35.68
C LYS C 317 -22.93 -1.60 35.53
N ALA C 318 -24.00 -2.39 35.59
CA ALA C 318 -23.87 -3.82 35.34
C ALA C 318 -23.60 -4.12 33.88
N PHE C 319 -24.20 -3.34 32.97
CA PHE C 319 -24.00 -3.52 31.54
C PHE C 319 -22.91 -2.60 30.99
N SER C 320 -22.06 -2.06 31.85
CA SER C 320 -21.12 -1.03 31.41
C SER C 320 -20.10 -1.58 30.42
N GLU C 321 -19.45 -2.69 30.77
CA GLU C 321 -18.38 -3.21 29.91
C GLU C 321 -18.92 -3.67 28.56
N ILE C 322 -20.01 -4.43 28.57
CA ILE C 322 -20.58 -4.89 27.31
C ILE C 322 -21.07 -3.71 26.48
N ASP C 323 -21.70 -2.73 27.12
CA ASP C 323 -22.18 -1.57 26.38
C ASP C 323 -21.02 -0.82 25.74
N ASN C 324 -19.93 -0.62 26.49
CA ASN C 324 -18.76 0.07 25.95
C ASN C 324 -18.18 -0.69 24.76
N TYR C 325 -18.03 -2.01 24.92
CA TYR C 325 -17.43 -2.80 23.84
C TYR C 325 -18.31 -2.78 22.60
N MET C 326 -19.63 -2.91 22.77
CA MET C 326 -20.52 -2.93 21.63
C MET C 326 -20.58 -1.56 20.95
N SER C 327 -20.57 -0.49 21.74
CA SER C 327 -20.54 0.85 21.14
C SER C 327 -19.25 1.06 20.36
N SER C 328 -18.12 0.60 20.91
CA SER C 328 -16.86 0.71 20.19
C SER C 328 -16.91 -0.06 18.88
N VAL C 329 -17.49 -1.27 18.90
CA VAL C 329 -17.53 -2.10 17.70
C VAL C 329 -18.46 -1.48 16.66
N ASN C 330 -19.57 -0.89 17.10
CA ASN C 330 -20.58 -0.36 16.18
C ASN C 330 -20.15 0.95 15.55
N SER C 331 -19.10 1.60 16.04
CA SER C 331 -18.55 2.76 15.35
C SER C 331 -17.89 2.40 14.03
N PHE C 332 -17.64 1.11 13.79
CA PHE C 332 -17.03 0.63 12.56
C PHE C 332 -18.05 0.03 11.60
N LEU C 333 -18.86 -0.92 12.09
CA LEU C 333 -19.80 -1.60 11.22
C LEU C 333 -20.83 -0.62 10.66
N GLU C 334 -21.18 -0.81 9.40
CA GLU C 334 -22.23 -0.05 8.75
C GLU C 334 -23.22 -1.01 8.11
N ASP C 335 -24.51 -0.72 8.28
CA ASP C 335 -25.64 -1.53 7.82
C ASP C 335 -25.87 -2.69 8.78
N LYS C 336 -25.06 -2.85 9.82
CA LYS C 336 -25.28 -3.86 10.83
C LYS C 336 -24.78 -3.33 12.17
N GLU C 337 -25.52 -3.64 13.23
CA GLU C 337 -25.14 -3.23 14.58
C GLU C 337 -25.10 -4.47 15.47
N MET C 338 -24.15 -4.53 16.38
CA MET C 338 -24.05 -5.69 17.27
C MET C 338 -24.89 -5.43 18.51
N ALA C 339 -25.83 -6.33 18.79
CA ALA C 339 -26.83 -6.10 19.82
C ALA C 339 -27.16 -7.40 20.53
N TYR C 340 -27.62 -7.26 21.77
CA TYR C 340 -28.16 -8.36 22.55
C TYR C 340 -29.65 -8.16 22.78
N ASP C 341 -30.40 -9.25 22.59
CA ASP C 341 -31.86 -9.25 22.69
C ASP C 341 -32.28 -10.13 23.85
N PHE C 342 -33.16 -9.59 24.69
CA PHE C 342 -33.76 -10.26 25.82
C PHE C 342 -35.24 -10.47 25.53
N ASP C 343 -35.70 -11.72 25.57
CA ASP C 343 -37.10 -12.03 25.36
C ASP C 343 -37.50 -13.14 26.30
N LEU C 344 -38.80 -13.20 26.62
CA LEU C 344 -39.27 -14.21 27.56
C LEU C 344 -39.35 -15.58 26.93
N ARG C 345 -39.70 -15.66 25.64
CA ARG C 345 -39.84 -16.95 24.98
C ARG C 345 -38.48 -17.65 24.90
N ARG C 346 -37.48 -16.95 24.37
CA ARG C 346 -36.15 -17.52 24.21
C ARG C 346 -35.47 -17.64 25.57
N LYS C 347 -34.91 -18.82 25.85
CA LYS C 347 -34.26 -19.03 27.13
C LYS C 347 -32.94 -18.26 27.21
N TYR C 348 -32.12 -18.34 26.17
CA TYR C 348 -30.79 -17.74 26.17
C TYR C 348 -30.85 -16.33 25.59
N PRO C 349 -30.33 -15.32 26.28
CA PRO C 349 -30.24 -13.97 25.68
C PRO C 349 -29.37 -14.01 24.45
N LYS C 350 -29.91 -13.55 23.32
CA LYS C 350 -29.24 -13.70 22.04
C LYS C 350 -28.31 -12.53 21.78
N VAL C 351 -27.05 -12.82 21.44
CA VAL C 351 -26.08 -11.79 21.09
C VAL C 351 -25.67 -12.01 19.65
N GLY C 352 -25.85 -10.99 18.82
CA GLY C 352 -25.57 -11.14 17.40
C GLY C 352 -25.83 -9.86 16.67
N LEU C 353 -25.67 -9.94 15.35
CA LEU C 353 -25.80 -8.75 14.51
C LEU C 353 -27.27 -8.49 14.20
N LYS C 354 -27.64 -7.22 14.23
CA LYS C 354 -28.97 -6.74 13.87
C LYS C 354 -28.86 -5.93 12.60
N PHE C 355 -29.68 -6.26 11.63
CA PHE C 355 -29.79 -5.51 10.39
C PHE C 355 -31.03 -4.63 10.44
N PRO C 356 -31.06 -3.56 9.64
CA PRO C 356 -32.18 -2.62 9.75
C PRO C 356 -33.54 -3.28 9.55
N ASP C 357 -33.62 -4.30 8.70
CA ASP C 357 -34.88 -4.98 8.45
C ASP C 357 -35.36 -5.76 9.66
N GLY C 358 -34.51 -5.97 10.66
CA GLY C 358 -34.88 -6.75 11.83
C GLY C 358 -34.45 -8.19 11.82
N SER C 359 -33.49 -8.57 10.97
CA SER C 359 -33.05 -9.95 10.84
C SER C 359 -31.78 -10.14 11.66
N TRP C 360 -31.86 -10.95 12.72
CA TRP C 360 -30.69 -11.31 13.48
C TRP C 360 -29.84 -12.33 12.72
N SER C 361 -28.56 -12.41 13.11
CA SER C 361 -27.64 -13.34 12.46
C SER C 361 -26.47 -13.59 13.40
N PRO C 362 -25.89 -14.79 13.37
CA PRO C 362 -24.73 -15.06 14.22
C PRO C 362 -23.50 -14.26 13.78
N ILE C 363 -22.56 -14.11 14.70
CA ILE C 363 -21.39 -13.28 14.47
C ILE C 363 -20.57 -13.79 13.30
N ARG C 364 -20.67 -15.09 12.99
CA ARG C 364 -19.80 -15.67 11.96
C ARG C 364 -20.01 -15.04 10.59
N VAL C 365 -21.15 -14.35 10.38
CA VAL C 365 -21.45 -13.80 9.07
C VAL C 365 -20.52 -12.66 8.69
N LEU C 366 -19.83 -12.07 9.67
CA LEU C 366 -18.99 -10.91 9.39
C LEU C 366 -17.82 -11.30 8.49
N SER C 367 -17.30 -10.30 7.78
CA SER C 367 -16.18 -10.51 6.87
C SER C 367 -14.88 -10.61 7.68
N SER C 368 -13.75 -10.70 6.98
CA SER C 368 -12.47 -10.80 7.67
C SER C 368 -12.15 -9.51 8.42
N GLY C 369 -12.33 -8.36 7.78
CA GLY C 369 -12.01 -7.11 8.44
C GLY C 369 -12.83 -6.90 9.70
N GLU C 370 -14.14 -7.20 9.63
CA GLU C 370 -14.97 -7.06 10.81
C GLU C 370 -14.54 -8.01 11.91
N ARG C 371 -14.17 -9.24 11.55
CA ARG C 371 -13.71 -10.19 12.57
C ARG C 371 -12.46 -9.68 13.25
N GLN C 372 -11.49 -9.18 12.47
CA GLN C 372 -10.28 -8.62 13.08
C GLN C 372 -10.60 -7.45 13.99
N LEU C 373 -11.47 -6.54 13.54
CA LEU C 373 -11.86 -5.41 14.37
C LEU C 373 -12.43 -5.90 15.69
N LEU C 374 -13.36 -6.84 15.61
CA LEU C 374 -14.02 -7.36 16.80
C LEU C 374 -13.00 -7.96 17.76
N THR C 375 -12.09 -8.77 17.22
CA THR C 375 -11.13 -9.48 18.08
C THR C 375 -10.20 -8.50 18.78
N MET C 376 -9.57 -7.58 18.03
CA MET C 376 -8.66 -6.65 18.68
C MET C 376 -9.39 -5.77 19.68
N LEU C 377 -10.59 -5.31 19.34
CA LEU C 377 -11.31 -4.46 20.29
C LEU C 377 -11.65 -5.23 21.55
N TYR C 378 -11.96 -6.52 21.43
CA TYR C 378 -12.18 -7.30 22.64
C TYR C 378 -10.88 -7.42 23.43
N ALA C 379 -9.78 -7.71 22.74
CA ALA C 379 -8.51 -7.89 23.42
C ALA C 379 -8.14 -6.65 24.23
N ALA C 380 -8.53 -5.47 23.75
CA ALA C 380 -8.27 -4.25 24.48
C ALA C 380 -9.43 -3.85 25.39
N SER C 381 -10.55 -4.55 25.32
CA SER C 381 -11.71 -4.22 26.14
C SER C 381 -11.45 -4.60 27.59
N LYS C 382 -12.27 -4.02 28.49
CA LYS C 382 -12.12 -4.28 29.91
C LYS C 382 -12.47 -5.73 30.26
N MET C 383 -13.32 -6.37 29.46
CA MET C 383 -13.76 -7.73 29.77
C MET C 383 -12.78 -8.77 29.24
N GLY C 384 -11.50 -8.59 29.57
CA GLY C 384 -10.51 -9.63 29.44
C GLY C 384 -10.17 -10.17 30.81
N ASP C 385 -8.98 -10.74 30.96
CA ASP C 385 -8.46 -11.10 32.27
C ASP C 385 -7.21 -10.29 32.62
N ASP C 386 -6.16 -10.44 31.83
CA ASP C 386 -4.95 -9.62 31.92
C ASP C 386 -4.08 -9.98 30.74
N ALA C 387 -3.44 -8.99 30.13
CA ALA C 387 -2.68 -9.28 28.92
C ALA C 387 -1.75 -8.12 28.61
N ILE C 388 -0.79 -8.41 27.74
CA ILE C 388 0.01 -7.41 27.05
C ILE C 388 -0.27 -7.63 25.56
N VAL C 389 -1.27 -6.94 25.04
CA VAL C 389 -1.77 -7.21 23.69
C VAL C 389 -0.68 -6.92 22.67
N LEU C 390 -0.20 -7.97 22.00
CA LEU C 390 0.78 -7.84 20.94
C LEU C 390 0.08 -8.10 19.61
N ILE C 391 0.08 -7.11 18.73
CA ILE C 391 -0.55 -7.22 17.42
C ILE C 391 0.53 -6.97 16.37
N ASP C 392 0.68 -7.93 15.46
CA ASP C 392 1.62 -7.81 14.35
C ASP C 392 0.83 -7.52 13.07
N GLU C 393 1.05 -6.34 12.51
CA GLU C 393 0.32 -5.93 11.31
C GLU C 393 -1.17 -5.87 11.59
N PRO C 394 -1.63 -4.88 12.37
CA PRO C 394 -3.08 -4.72 12.58
C PRO C 394 -3.82 -4.20 11.36
N GLU C 395 -3.13 -3.93 10.26
CA GLU C 395 -3.73 -3.36 9.06
C GLU C 395 -4.16 -4.41 8.05
N ILE C 396 -4.09 -5.70 8.39
CA ILE C 396 -4.44 -6.74 7.43
C ILE C 396 -5.95 -6.77 7.26
N SER C 397 -6.42 -6.54 6.03
CA SER C 397 -7.83 -6.66 5.70
C SER C 397 -8.65 -5.52 6.31
N LEU C 398 -8.07 -4.32 6.35
CA LEU C 398 -8.76 -3.15 6.88
C LEU C 398 -8.59 -1.98 5.92
N HIS C 399 -9.69 -1.28 5.67
CA HIS C 399 -9.66 -0.05 4.89
C HIS C 399 -9.09 1.09 5.74
N ILE C 400 -8.69 2.17 5.07
CA ILE C 400 -8.02 3.26 5.76
C ILE C 400 -8.96 3.90 6.78
N ASP C 401 -10.26 3.96 6.47
CA ASP C 401 -11.21 4.55 7.40
C ASP C 401 -11.16 3.87 8.76
N TRP C 402 -11.22 2.54 8.77
CA TRP C 402 -11.17 1.80 10.02
C TRP C 402 -9.78 1.86 10.64
N GLN C 403 -8.74 1.86 9.81
CA GLN C 403 -7.38 1.93 10.31
C GLN C 403 -7.16 3.19 11.12
N GLU C 404 -7.65 4.34 10.64
CA GLU C 404 -7.41 5.59 11.33
C GLU C 404 -8.03 5.60 12.72
N ASP C 405 -9.21 4.98 12.87
CA ASP C 405 -9.93 5.00 14.14
C ASP C 405 -9.67 3.78 15.02
N LEU C 406 -8.85 2.83 14.56
CA LEU C 406 -8.64 1.62 15.34
C LEU C 406 -8.04 1.95 16.70
N LEU C 407 -6.83 2.50 16.71
CA LEU C 407 -6.12 2.68 17.98
C LEU C 407 -6.90 3.63 18.88
N LYS C 408 -7.44 4.70 18.31
CA LYS C 408 -8.23 5.64 19.10
C LYS C 408 -9.36 4.93 19.82
N ARG C 409 -10.05 4.01 19.13
CA ARG C 409 -11.17 3.33 19.77
C ARG C 409 -10.71 2.25 20.74
N MET C 410 -9.58 1.59 20.46
CA MET C 410 -9.05 0.62 21.40
C MET C 410 -8.66 1.28 22.72
N LEU C 411 -8.00 2.43 22.66
CA LEU C 411 -7.66 3.16 23.87
C LEU C 411 -8.85 3.89 24.47
N SER C 412 -9.92 4.12 23.70
CA SER C 412 -11.10 4.76 24.25
C SER C 412 -11.61 3.99 25.47
N GLN C 413 -11.51 2.66 25.43
CA GLN C 413 -11.79 1.83 26.60
C GLN C 413 -10.57 1.88 27.52
N LEU C 414 -10.70 2.56 28.65
CA LEU C 414 -9.56 2.79 29.53
C LEU C 414 -9.20 1.52 30.29
N SER C 415 -8.74 0.50 29.57
CA SER C 415 -8.39 -0.76 30.22
C SER C 415 -7.05 -0.68 30.94
N GLY C 416 -6.11 0.08 30.38
CA GLY C 416 -4.77 0.16 30.92
C GLY C 416 -3.83 -0.92 30.45
N ARG C 417 -4.31 -1.88 29.66
CA ARG C 417 -3.46 -2.94 29.16
C ARG C 417 -2.43 -2.38 28.19
N GLN C 418 -1.17 -2.81 28.35
CA GLN C 418 -0.12 -2.36 27.45
C GLN C 418 -0.32 -2.99 26.08
N ILE C 419 -0.25 -2.16 25.04
CA ILE C 419 -0.45 -2.58 23.67
C ILE C 419 0.83 -2.30 22.89
N ILE C 420 1.35 -3.33 22.22
CA ILE C 420 2.50 -3.20 21.35
C ILE C 420 2.07 -3.60 19.95
N VAL C 421 2.15 -2.65 19.02
CA VAL C 421 1.69 -2.84 17.65
C VAL C 421 2.88 -2.70 16.72
N CYS C 422 3.21 -3.77 16.00
CA CYS C 422 4.22 -3.74 14.95
C CYS C 422 3.49 -3.55 13.63
N THR C 423 3.59 -2.35 13.04
CA THR C 423 2.79 -2.00 11.89
C THR C 423 3.66 -1.31 10.86
N HIS C 424 3.17 -1.31 9.62
CA HIS C 424 3.76 -0.55 8.53
C HIS C 424 2.84 0.54 8.00
N SER C 425 1.55 0.49 8.31
CA SER C 425 0.60 1.43 7.74
C SER C 425 0.68 2.78 8.47
N PRO C 426 0.93 3.89 7.77
CA PRO C 426 0.93 5.18 8.46
C PRO C 426 -0.41 5.53 9.09
N SER C 427 -1.51 4.99 8.56
CA SER C 427 -2.83 5.33 9.07
C SER C 427 -3.03 4.79 10.48
N ILE C 428 -2.48 3.61 10.78
CA ILE C 428 -2.66 3.04 12.11
C ILE C 428 -2.04 3.92 13.18
N ALA C 429 -0.92 4.56 12.86
CA ALA C 429 -0.19 5.37 13.81
C ALA C 429 -0.55 6.85 13.78
N THR C 430 -1.56 7.25 13.00
CA THR C 430 -1.93 8.65 12.94
C THR C 430 -2.32 9.16 14.32
N GLY C 431 -1.78 10.32 14.70
CA GLY C 431 -2.09 10.91 15.98
C GLY C 431 -1.35 10.33 17.16
N TYR C 432 -0.45 9.38 16.94
CA TYR C 432 0.34 8.77 18.01
C TYR C 432 1.81 8.77 17.64
N GLU C 433 2.25 9.81 16.94
CA GLU C 433 3.65 9.89 16.54
C GLU C 433 4.59 10.01 17.74
N ASP C 434 4.06 10.39 18.90
CA ASP C 434 4.88 10.51 20.09
C ASP C 434 5.08 9.19 20.82
N PHE C 435 4.35 8.14 20.42
CA PHE C 435 4.49 6.82 21.00
C PHE C 435 5.30 5.87 20.13
N MET C 436 5.78 6.33 18.98
CA MET C 436 6.42 5.44 18.03
C MET C 436 7.80 5.03 18.51
N ILE C 437 8.14 3.77 18.27
CA ILE C 437 9.48 3.25 18.52
C ILE C 437 10.02 2.72 17.20
N ASN C 438 11.18 3.21 16.79
CA ASN C 438 11.84 2.75 15.58
C ASN C 438 12.98 1.82 15.96
N ILE C 439 12.87 0.56 15.54
CA ILE C 439 13.90 -0.44 15.80
C ILE C 439 14.82 -0.50 14.59
N SER C 440 16.11 -0.28 14.83
CA SER C 440 17.13 -0.34 13.80
C SER C 440 18.25 -1.24 14.32
N PRO C 441 18.17 -2.55 14.08
CA PRO C 441 19.17 -3.45 14.63
C PRO C 441 20.58 -3.08 14.15
N GLU C 442 21.54 -3.20 15.06
CA GLU C 442 22.94 -2.89 14.78
C GLU C 442 23.61 -4.17 14.28
N PHE C 443 23.78 -4.27 12.97
CA PHE C 443 24.38 -5.46 12.40
C PHE C 443 25.83 -5.59 12.83
N ILE C 444 26.28 -6.84 12.98
CA ILE C 444 27.65 -7.12 13.37
C ILE C 444 28.53 -7.29 12.13
#